data_4YIP
#
_entry.id   4YIP
#
_cell.length_a   67.964
_cell.length_b   82.879
_cell.length_c   72.779
_cell.angle_alpha   90.00
_cell.angle_beta   94.25
_cell.angle_gamma   90.00
#
_symmetry.space_group_name_H-M   'P 1 21 1'
#
loop_
_entity.id
_entity.type
_entity.pdbx_description
1 polymer 'Superoxide dismutase [Mn/Fe]'
2 non-polymer 'FE (III) ION'
3 water water
#
_entity_poly.entity_id   1
_entity_poly.type   'polypeptide(L)'
_entity_poly.pdbx_seq_one_letter_code
;MAILLPDLPYAYDALEPYIDAETMTLHHDKHHATYVANANAALEKHPEIGENLEVLLADVEQIPADIRQSLINNGGGHLN
HALFWELLSPEKTKVTAEVAAAINEAFGSFDDFKAAFTAAATTRFGSGWAWLVVDKEGKLEVTSTANQDTPISQGLKPIL
ALDVWEHAYYLNYRNVRPNYIKAFFEVINWNTVARLYAEALTLEHHHHHH
;
_entity_poly.pdbx_strand_id   A,B,C,D
#
loop_
_chem_comp.id
_chem_comp.type
_chem_comp.name
_chem_comp.formula
FE non-polymer 'FE (III) ION' 'Fe 3'
#
# COMPACT_ATOMS: atom_id res chain seq x y z
N ALA A 2 -11.92 7.32 -1.15
CA ALA A 2 -11.12 6.05 -1.03
C ALA A 2 -10.35 6.04 0.31
N ILE A 3 -10.40 4.89 1.00
CA ILE A 3 -9.50 4.64 2.11
C ILE A 3 -8.07 4.48 1.58
N LEU A 4 -7.12 5.11 2.22
CA LEU A 4 -5.72 4.98 1.81
C LEU A 4 -4.98 4.16 2.83
N LEU A 5 -4.12 3.28 2.32
CA LEU A 5 -3.08 2.62 3.11
C LEU A 5 -2.02 3.58 3.66
N PRO A 6 -2.11 3.94 4.94
CA PRO A 6 -1.06 4.80 5.43
C PRO A 6 0.35 4.14 5.41
N ASP A 7 1.40 4.94 5.22
CA ASP A 7 2.78 4.45 5.26
C ASP A 7 3.08 4.09 6.71
N LEU A 8 3.96 3.13 6.94
CA LEU A 8 4.48 2.92 8.27
C LEU A 8 5.22 4.17 8.63
N PRO A 9 5.13 4.56 9.91
CA PRO A 9 5.77 5.82 10.20
C PRO A 9 7.26 5.65 10.55
N TYR A 10 7.86 4.51 10.19
CA TYR A 10 9.27 4.22 10.46
C TYR A 10 9.63 3.21 9.41
N ALA A 11 10.94 2.97 9.22
CA ALA A 11 11.47 1.92 8.36
C ALA A 11 10.96 0.56 8.78
N TYR A 12 10.95 -0.37 7.82
CA TYR A 12 10.41 -1.68 8.05
C TYR A 12 11.24 -2.48 9.02
N ASP A 13 12.55 -2.23 9.04
CA ASP A 13 13.46 -3.00 9.91
C ASP A 13 13.59 -2.34 11.29
N ALA A 14 12.81 -1.28 11.56
CA ALA A 14 12.98 -0.43 12.75
C ALA A 14 12.67 -1.11 14.12
N LEU A 15 11.91 -2.21 14.07
CA LEU A 15 11.37 -2.77 15.28
C LEU A 15 12.20 -3.97 15.67
N GLU A 16 13.20 -4.24 14.81
CA GLU A 16 14.18 -5.29 15.01
C GLU A 16 14.85 -5.05 16.33
N PRO A 17 15.15 -6.12 17.07
CA PRO A 17 14.89 -7.50 16.64
C PRO A 17 13.53 -7.99 17.15
N TYR A 18 12.75 -7.09 17.77
CA TYR A 18 11.47 -7.46 18.35
C TYR A 18 10.46 -7.92 17.30
N ILE A 19 10.26 -7.12 16.25
CA ILE A 19 9.53 -7.57 15.07
C ILE A 19 10.46 -7.56 13.83
N ASP A 20 10.52 -8.68 13.13
CA ASP A 20 11.39 -8.80 11.98
C ASP A 20 10.83 -7.97 10.80
N ALA A 21 11.79 -7.47 10.01
CA ALA A 21 11.54 -6.69 8.80
C ALA A 21 10.52 -7.34 7.88
N GLU A 22 10.73 -8.63 7.62
CA GLU A 22 9.92 -9.34 6.64
C GLU A 22 8.43 -9.34 7.03
N THR A 23 8.19 -9.46 8.32
CA THR A 23 6.86 -9.50 8.87
C THR A 23 6.25 -8.12 8.74
N MET A 24 6.94 -7.08 9.22
CA MET A 24 6.52 -5.69 8.99
C MET A 24 6.13 -5.42 7.54
N THR A 25 6.90 -6.01 6.64
CA THR A 25 6.72 -5.83 5.21
C THR A 25 5.45 -6.55 4.71
N LEU A 26 5.33 -7.86 4.95
CA LEU A 26 4.10 -8.61 4.60
C LEU A 26 2.86 -8.03 5.29
N HIS A 27 3.04 -7.80 6.57
CA HIS A 27 1.94 -7.32 7.40
C HIS A 27 1.33 -6.03 6.89
N HIS A 28 2.15 -4.98 6.71
CA HIS A 28 1.71 -3.72 6.04
C HIS A 28 1.38 -3.87 4.56
N ASP A 29 2.29 -4.47 3.78
CA ASP A 29 2.16 -4.35 2.29
C ASP A 29 1.14 -5.29 1.69
N LYS A 30 0.90 -6.39 2.39
CA LYS A 30 -0.01 -7.40 1.91
C LYS A 30 -1.28 -7.46 2.71
N HIS A 31 -1.17 -7.73 4.03
CA HIS A 31 -2.31 -7.91 4.89
C HIS A 31 -3.16 -6.64 5.07
N HIS A 32 -2.58 -5.59 5.63
CA HIS A 32 -3.27 -4.29 5.65
C HIS A 32 -3.72 -3.77 4.19
N ALA A 33 -2.88 -3.86 3.18
CA ALA A 33 -3.26 -3.38 1.84
C ALA A 33 -4.53 -4.08 1.37
N THR A 34 -4.55 -5.37 1.63
CA THR A 34 -5.71 -6.20 1.29
C THR A 34 -6.97 -5.73 1.99
N TYR A 35 -6.91 -5.48 3.29
CA TYR A 35 -8.09 -4.95 3.97
C TYR A 35 -8.57 -3.59 3.36
N VAL A 36 -7.59 -2.75 2.99
CA VAL A 36 -7.89 -1.43 2.47
C VAL A 36 -8.65 -1.59 1.14
N ALA A 37 -8.15 -2.49 0.30
CA ALA A 37 -8.71 -2.77 -1.03
C ALA A 37 -10.12 -3.30 -0.90
N ASN A 38 -10.26 -4.29 -0.04
CA ASN A 38 -11.55 -4.92 0.19
C ASN A 38 -12.52 -3.96 0.83
N ALA A 39 -12.03 -3.10 1.72
CA ALA A 39 -12.90 -2.16 2.38
C ALA A 39 -13.49 -1.23 1.31
N ASN A 40 -12.65 -0.82 0.37
CA ASN A 40 -13.05 0.11 -0.66
C ASN A 40 -14.08 -0.48 -1.62
N ALA A 41 -13.87 -1.73 -2.02
CA ALA A 41 -14.84 -2.46 -2.87
C ALA A 41 -16.26 -2.53 -2.26
N ALA A 42 -16.33 -2.81 -0.96
CA ALA A 42 -17.59 -2.73 -0.25
C ALA A 42 -18.17 -1.30 -0.23
N LEU A 43 -17.37 -0.31 0.20
CA LEU A 43 -17.85 1.11 0.28
C LEU A 43 -18.43 1.64 -1.03
N GLU A 44 -17.83 1.26 -2.15
CA GLU A 44 -18.12 1.79 -3.49
C GLU A 44 -19.47 1.32 -3.94
N LYS A 45 -19.90 0.18 -3.40
CA LYS A 45 -21.25 -0.31 -3.63
C LYS A 45 -22.31 0.56 -2.95
N HIS A 46 -21.95 1.26 -1.87
CA HIS A 46 -22.89 2.28 -1.32
C HIS A 46 -22.21 3.65 -1.15
N PRO A 47 -22.12 4.42 -2.24
CA PRO A 47 -21.46 5.73 -2.06
C PRO A 47 -22.19 6.61 -1.06
N GLU A 48 -23.48 6.37 -0.85
CA GLU A 48 -24.33 7.22 0.01
C GLU A 48 -23.97 7.18 1.48
N ILE A 49 -23.41 6.05 1.92
CA ILE A 49 -23.10 5.89 3.34
C ILE A 49 -21.71 6.50 3.70
N GLY A 50 -20.97 6.97 2.70
CA GLY A 50 -19.67 7.62 2.95
C GLY A 50 -18.56 6.67 3.38
N GLU A 51 -17.51 7.22 4.01
CA GLU A 51 -16.27 6.48 4.24
C GLU A 51 -15.76 6.59 5.63
N ASN A 52 -16.55 7.17 6.53
CA ASN A 52 -16.16 7.23 7.94
C ASN A 52 -16.23 5.93 8.75
N LEU A 53 -15.21 5.09 8.58
CA LEU A 53 -15.24 3.78 9.21
C LEU A 53 -15.44 3.79 10.71
N GLU A 54 -14.89 4.76 11.43
CA GLU A 54 -15.01 4.79 12.89
C GLU A 54 -16.46 5.02 13.28
N VAL A 55 -17.16 5.88 12.54
CA VAL A 55 -18.59 6.04 12.81
C VAL A 55 -19.43 4.81 12.38
N LEU A 56 -19.16 4.27 11.20
CA LEU A 56 -19.90 3.13 10.69
C LEU A 56 -19.76 1.91 11.59
N LEU A 57 -18.53 1.59 12.01
CA LEU A 57 -18.28 0.40 12.88
C LEU A 57 -18.68 0.49 14.37
N ALA A 58 -18.85 1.72 14.85
CA ALA A 58 -19.44 2.00 16.17
C ALA A 58 -20.91 1.59 16.25
N ASP A 59 -21.63 1.63 15.13
CA ASP A 59 -22.93 0.96 15.04
C ASP A 59 -23.04 0.11 13.77
N VAL A 60 -22.71 -1.17 13.89
CA VAL A 60 -22.53 -2.01 12.70
C VAL A 60 -23.86 -2.19 12.02
N GLU A 61 -24.89 -2.27 12.86
CA GLU A 61 -26.26 -2.52 12.44
C GLU A 61 -26.75 -1.52 11.42
N GLN A 62 -26.31 -0.27 11.53
CA GLN A 62 -26.62 0.77 10.53
C GLN A 62 -26.03 0.55 9.12
N ILE A 63 -25.15 -0.45 8.96
CA ILE A 63 -24.45 -0.75 7.69
C ILE A 63 -25.24 -1.71 6.82
N PRO A 64 -25.52 -1.35 5.53
CA PRO A 64 -26.45 -2.11 4.71
C PRO A 64 -26.11 -3.57 4.81
N ALA A 65 -27.13 -4.40 4.99
CA ALA A 65 -26.91 -5.80 5.33
C ALA A 65 -25.89 -6.44 4.38
N ASP A 66 -26.05 -6.14 3.10
CA ASP A 66 -25.26 -6.79 2.05
C ASP A 66 -23.77 -6.47 1.95
N ILE A 67 -23.27 -5.57 2.78
CA ILE A 67 -21.83 -5.39 2.87
C ILE A 67 -21.41 -5.41 4.33
N ARG A 68 -22.33 -5.77 5.23
CA ARG A 68 -22.06 -5.58 6.65
C ARG A 68 -20.89 -6.43 7.15
N GLN A 69 -20.92 -7.72 6.86
CA GLN A 69 -19.80 -8.59 7.27
C GLN A 69 -18.46 -8.16 6.61
N SER A 70 -18.48 -7.93 5.30
CA SER A 70 -17.24 -7.52 4.64
C SER A 70 -16.71 -6.21 5.28
N LEU A 71 -17.62 -5.31 5.68
CA LEU A 71 -17.18 -4.05 6.23
C LEU A 71 -16.52 -4.24 7.59
N ILE A 72 -17.15 -5.07 8.40
CA ILE A 72 -16.64 -5.41 9.75
C ILE A 72 -15.22 -5.98 9.68
N ASN A 73 -15.03 -6.83 8.70
CA ASN A 73 -13.81 -7.62 8.62
C ASN A 73 -12.69 -6.80 8.02
N ASN A 74 -12.97 -6.15 6.89
CA ASN A 74 -11.96 -5.40 6.16
C ASN A 74 -11.79 -3.98 6.63
N GLY A 75 -12.93 -3.32 6.87
CA GLY A 75 -12.95 -2.01 7.53
C GLY A 75 -12.29 -2.13 8.91
N GLY A 76 -12.69 -3.15 9.67
CA GLY A 76 -12.09 -3.45 10.96
C GLY A 76 -10.62 -3.71 10.77
N GLY A 77 -10.31 -4.57 9.79
CA GLY A 77 -8.91 -4.80 9.48
C GLY A 77 -8.15 -3.48 9.31
N HIS A 78 -8.74 -2.52 8.60
CA HIS A 78 -8.00 -1.29 8.35
C HIS A 78 -7.78 -0.46 9.61
N LEU A 79 -8.85 -0.22 10.38
CA LEU A 79 -8.66 0.50 11.63
C LEU A 79 -7.70 -0.17 12.53
N ASN A 80 -7.81 -1.48 12.71
CA ASN A 80 -6.94 -2.06 13.75
C ASN A 80 -5.48 -1.89 13.35
N HIS A 81 -5.19 -2.09 12.06
CA HIS A 81 -3.81 -2.04 11.65
C HIS A 81 -3.27 -0.63 11.67
N ALA A 82 -4.08 0.36 11.28
CA ALA A 82 -3.59 1.73 11.21
C ALA A 82 -3.27 2.14 12.62
N LEU A 83 -4.13 1.71 13.55
CA LEU A 83 -3.90 1.94 14.95
C LEU A 83 -2.63 1.23 15.42
N PHE A 84 -2.50 -0.04 15.06
CA PHE A 84 -1.30 -0.84 15.36
C PHE A 84 0.05 -0.18 14.92
N TRP A 85 0.19 0.35 13.69
CA TRP A 85 1.46 0.97 13.27
C TRP A 85 1.81 2.18 14.15
N GLU A 86 0.85 3.02 14.53
CA GLU A 86 1.08 4.20 15.39
CA GLU A 86 1.15 4.19 15.36
C GLU A 86 1.46 3.81 16.82
N LEU A 87 1.05 2.61 17.25
CA LEU A 87 1.31 2.13 18.63
C LEU A 87 2.69 1.52 18.83
N LEU A 88 3.41 1.34 17.73
CA LEU A 88 4.74 0.71 17.78
C LEU A 88 5.80 1.78 17.67
N SER A 89 6.90 1.59 18.40
CA SER A 89 7.99 2.59 18.41
C SER A 89 9.41 2.04 18.45
N PRO A 90 10.27 2.44 17.49
CA PRO A 90 11.64 1.94 17.55
C PRO A 90 12.41 2.53 18.71
N GLU A 91 12.00 3.69 19.21
CA GLU A 91 12.53 4.24 20.46
C GLU A 91 11.71 3.77 21.66
N LYS A 92 12.38 3.16 22.65
CA LYS A 92 11.75 2.91 23.94
C LYS A 92 11.23 4.29 24.44
N THR A 93 9.95 4.35 24.78
CA THR A 93 9.31 5.52 25.37
C THR A 93 8.86 5.12 26.78
N LYS A 94 8.37 6.08 27.57
CA LYS A 94 7.86 5.71 28.89
C LYS A 94 6.39 6.06 29.05
N VAL A 95 5.74 5.38 29.97
CA VAL A 95 4.38 5.65 30.32
C VAL A 95 4.22 7.08 30.81
N THR A 96 3.28 7.84 30.22
CA THR A 96 3.01 9.20 30.70
C THR A 96 2.34 9.12 32.08
N ALA A 97 2.55 10.14 32.91
CA ALA A 97 2.04 10.11 34.29
C ALA A 97 0.54 9.82 34.39
N GLU A 98 -0.27 10.40 33.50
CA GLU A 98 -1.72 10.26 33.69
C GLU A 98 -2.11 8.84 33.25
N VAL A 99 -1.46 8.36 32.20
CA VAL A 99 -1.71 7.00 31.79
C VAL A 99 -1.28 6.02 32.89
N ALA A 100 -0.11 6.25 33.51
CA ALA A 100 0.41 5.38 34.58
C ALA A 100 -0.52 5.26 35.74
N ALA A 101 -1.09 6.41 36.13
CA ALA A 101 -2.03 6.56 37.24
C ALA A 101 -3.35 5.85 36.98
N ALA A 102 -3.94 6.06 35.80
CA ALA A 102 -5.13 5.27 35.45
C ALA A 102 -4.85 3.73 35.42
N ILE A 103 -3.68 3.32 34.95
CA ILE A 103 -3.31 1.89 35.02
C ILE A 103 -3.18 1.40 36.48
N ASN A 104 -2.51 2.20 37.32
CA ASN A 104 -2.46 1.86 38.74
C ASN A 104 -3.85 1.71 39.35
N GLU A 105 -4.73 2.66 39.04
CA GLU A 105 -6.05 2.63 39.59
C GLU A 105 -6.84 1.36 39.19
N ALA A 106 -6.90 1.08 37.89
CA ALA A 106 -7.73 -0.04 37.40
C ALA A 106 -7.10 -1.40 37.77
N PHE A 107 -5.77 -1.48 37.80
CA PHE A 107 -5.01 -2.77 37.88
C PHE A 107 -4.22 -3.05 39.17
N GLY A 108 -3.74 -2.01 39.84
CA GLY A 108 -2.95 -2.20 41.07
C GLY A 108 -1.51 -1.76 40.81
N SER A 109 -0.94 -2.17 39.70
CA SER A 109 0.37 -1.62 39.28
C SER A 109 0.54 -1.84 37.79
N PHE A 110 1.58 -1.26 37.20
CA PHE A 110 1.83 -1.44 35.81
C PHE A 110 1.98 -2.95 35.51
N ASP A 111 2.67 -3.66 36.42
CA ASP A 111 3.03 -5.03 36.15
C ASP A 111 1.78 -5.90 36.21
N ASP A 112 0.84 -5.55 37.11
CA ASP A 112 -0.48 -6.21 37.15
C ASP A 112 -1.19 -6.01 35.81
N PHE A 113 -1.14 -4.81 35.26
CA PHE A 113 -1.74 -4.58 33.98
C PHE A 113 -1.05 -5.46 32.91
N LYS A 114 0.27 -5.48 32.93
CA LYS A 114 1.03 -6.24 31.99
C LYS A 114 0.60 -7.71 32.00
N ALA A 115 0.52 -8.31 33.18
CA ALA A 115 0.09 -9.69 33.30
C ALA A 115 -1.32 -9.82 32.74
N ALA A 116 -2.18 -8.84 33.00
CA ALA A 116 -3.59 -9.00 32.59
C ALA A 116 -3.76 -8.87 31.09
N PHE A 117 -3.02 -7.92 30.49
CA PHE A 117 -3.02 -7.72 29.05
C PHE A 117 -2.36 -8.96 28.42
N THR A 118 -1.23 -9.39 28.98
CA THR A 118 -0.63 -10.66 28.56
C THR A 118 -1.58 -11.88 28.62
N ALA A 119 -2.41 -11.96 29.67
CA ALA A 119 -3.41 -13.07 29.75
C ALA A 119 -4.45 -12.96 28.62
N ALA A 120 -4.98 -11.77 28.37
CA ALA A 120 -5.93 -11.65 27.29
C ALA A 120 -5.25 -11.98 25.96
N ALA A 121 -4.05 -11.46 25.72
CA ALA A 121 -3.36 -11.75 24.46
C ALA A 121 -3.08 -13.25 24.22
N THR A 122 -2.76 -13.97 25.31
CA THR A 122 -2.36 -15.33 25.27
C THR A 122 -3.50 -16.32 25.15
N THR A 123 -4.65 -16.04 25.80
CA THR A 123 -5.78 -16.97 25.76
C THR A 123 -6.74 -16.72 24.60
N ARG A 124 -6.59 -15.60 23.87
CA ARG A 124 -7.42 -15.37 22.67
C ARG A 124 -7.21 -16.61 21.76
N PHE A 125 -8.23 -17.42 21.63
CA PHE A 125 -8.05 -18.62 20.84
C PHE A 125 -8.34 -18.37 19.33
N GLY A 126 -7.37 -18.68 18.48
CA GLY A 126 -7.58 -18.38 17.05
C GLY A 126 -7.03 -17.02 16.73
N SER A 127 -7.70 -16.31 15.83
CA SER A 127 -7.14 -15.04 15.32
C SER A 127 -7.80 -13.90 16.12
N GLY A 128 -7.05 -12.84 16.39
CA GLY A 128 -7.65 -11.70 17.02
C GLY A 128 -6.70 -10.68 17.56
N TRP A 129 -7.16 -9.92 18.56
CA TRP A 129 -6.47 -8.77 19.12
C TRP A 129 -6.73 -8.66 20.63
N ALA A 130 -5.67 -8.26 21.37
CA ALA A 130 -5.74 -7.91 22.79
C ALA A 130 -5.81 -6.40 22.84
N TRP A 131 -6.52 -5.87 23.83
CA TRP A 131 -6.77 -4.40 23.89
C TRP A 131 -6.73 -3.89 25.30
N LEU A 132 -6.17 -2.69 25.46
CA LEU A 132 -6.49 -1.83 26.60
C LEU A 132 -7.48 -0.79 26.17
N VAL A 133 -8.64 -0.73 26.82
CA VAL A 133 -9.72 0.21 26.46
C VAL A 133 -10.22 1.14 27.58
N VAL A 134 -10.80 2.26 27.16
CA VAL A 134 -11.49 3.17 28.06
C VAL A 134 -12.96 2.76 28.04
N ASP A 135 -13.47 2.40 29.23
CA ASP A 135 -14.87 2.25 29.61
C ASP A 135 -15.72 3.42 29.27
N LYS A 136 -17.01 3.10 29.19
CA LYS A 136 -18.02 4.13 29.14
CA LYS A 136 -18.06 4.09 29.17
C LYS A 136 -17.92 4.99 30.41
N GLU A 137 -17.56 4.38 31.55
CA GLU A 137 -17.36 5.12 32.80
C GLU A 137 -15.99 5.81 32.91
N GLY A 138 -15.11 5.63 31.92
CA GLY A 138 -13.81 6.27 31.88
C GLY A 138 -12.72 5.43 32.53
N LYS A 139 -13.00 4.16 32.72
CA LYS A 139 -12.07 3.30 33.47
C LYS A 139 -11.35 2.47 32.43
N LEU A 140 -10.20 1.96 32.83
CA LEU A 140 -9.43 1.13 31.92
C LEU A 140 -9.91 -0.33 32.06
N GLU A 141 -9.82 -1.10 30.99
CA GLU A 141 -10.16 -2.53 31.03
C GLU A 141 -9.36 -3.14 29.93
N VAL A 142 -8.82 -4.31 30.21
CA VAL A 142 -8.23 -5.16 29.23
C VAL A 142 -9.32 -6.08 28.64
N THR A 143 -9.33 -6.28 27.31
CA THR A 143 -10.24 -7.23 26.69
C THR A 143 -9.50 -7.89 25.54
N SER A 144 -10.19 -8.78 24.82
CA SER A 144 -9.69 -9.24 23.54
C SER A 144 -10.86 -9.38 22.58
N THR A 145 -10.60 -9.51 21.27
CA THR A 145 -11.69 -9.70 20.32
C THR A 145 -11.28 -10.74 19.26
N ALA A 146 -12.25 -11.27 18.52
CA ALA A 146 -12.00 -12.14 17.39
C ALA A 146 -11.63 -11.40 16.08
N ASN A 147 -10.76 -12.04 15.30
CA ASN A 147 -10.49 -11.68 13.93
C ASN A 147 -10.11 -10.22 13.81
N GLN A 148 -10.95 -9.42 13.15
CA GLN A 148 -10.79 -7.98 13.12
C GLN A 148 -11.95 -7.23 13.84
N ASP A 149 -12.66 -7.88 14.75
CA ASP A 149 -13.65 -7.15 15.56
C ASP A 149 -12.98 -6.05 16.38
N THR A 150 -13.68 -4.93 16.55
CA THR A 150 -13.06 -3.82 17.25
C THR A 150 -13.93 -3.31 18.35
N PRO A 151 -13.30 -3.01 19.49
CA PRO A 151 -14.01 -2.58 20.70
C PRO A 151 -14.85 -1.35 20.49
N ILE A 152 -14.64 -0.58 19.40
CA ILE A 152 -15.45 0.64 19.16
C ILE A 152 -16.87 0.22 18.79
N SER A 153 -16.97 -1.01 18.24
CA SER A 153 -18.26 -1.64 18.01
C SER A 153 -19.04 -1.85 19.29
N GLN A 154 -18.42 -1.81 20.45
CA GLN A 154 -19.18 -1.89 21.66
C GLN A 154 -18.99 -0.61 22.48
N GLY A 155 -18.71 0.49 21.81
CA GLY A 155 -18.64 1.75 22.54
C GLY A 155 -17.49 1.74 23.52
N LEU A 156 -16.46 0.93 23.25
CA LEU A 156 -15.18 1.06 23.93
C LEU A 156 -14.11 1.76 23.10
N LYS A 157 -13.25 2.58 23.75
CA LYS A 157 -12.17 3.32 23.07
C LYS A 157 -10.81 2.70 23.34
N PRO A 158 -10.22 2.12 22.29
CA PRO A 158 -8.90 1.46 22.39
C PRO A 158 -7.77 2.46 22.48
N ILE A 159 -6.86 2.18 23.42
CA ILE A 159 -5.66 2.97 23.61
C ILE A 159 -4.43 2.11 23.49
N LEU A 160 -4.60 0.78 23.55
CA LEU A 160 -3.50 -0.12 23.26
C LEU A 160 -4.08 -1.33 22.53
N ALA A 161 -3.34 -1.88 21.57
CA ALA A 161 -3.80 -3.00 20.77
C ALA A 161 -2.62 -3.91 20.40
N LEU A 162 -2.78 -5.24 20.46
CA LEU A 162 -1.78 -6.18 20.01
C LEU A 162 -2.42 -7.19 19.06
N ASP A 163 -1.97 -7.25 17.79
CA ASP A 163 -2.39 -8.24 16.80
C ASP A 163 -1.87 -9.58 17.25
N VAL A 164 -2.78 -10.51 17.53
CA VAL A 164 -2.36 -11.86 17.82
C VAL A 164 -2.72 -12.85 16.74
N TRP A 165 -3.07 -12.35 15.53
CA TRP A 165 -3.11 -13.23 14.36
C TRP A 165 -1.75 -13.89 14.19
N GLU A 166 -1.73 -15.14 13.74
CA GLU A 166 -0.43 -15.80 13.58
C GLU A 166 0.44 -15.06 12.60
N HIS A 167 -0.14 -14.36 11.62
CA HIS A 167 0.80 -13.74 10.67
C HIS A 167 1.61 -12.62 11.28
N ALA A 168 1.19 -12.16 12.46
CA ALA A 168 1.87 -11.09 13.17
C ALA A 168 3.14 -11.59 13.86
N TYR A 169 3.30 -12.90 14.05
CA TYR A 169 4.37 -13.34 14.91
C TYR A 169 5.06 -14.66 14.56
N TYR A 170 4.56 -15.35 13.52
CA TYR A 170 4.99 -16.71 13.27
C TYR A 170 6.40 -16.70 12.66
N LEU A 171 6.71 -15.67 11.92
CA LEU A 171 7.99 -15.69 11.30
C LEU A 171 9.07 -15.61 12.41
N ASN A 172 8.86 -14.75 13.43
CA ASN A 172 9.90 -14.53 14.43
C ASN A 172 9.82 -15.38 15.69
N TYR A 173 8.65 -15.98 15.99
CA TYR A 173 8.41 -16.69 17.26
C TYR A 173 7.71 -18.05 17.09
N ARG A 174 7.29 -18.35 15.87
CA ARG A 174 6.62 -19.64 15.58
C ARG A 174 5.43 -19.76 16.44
N ASN A 175 5.23 -20.87 17.13
CA ASN A 175 4.03 -21.06 17.93
C ASN A 175 4.08 -20.37 19.31
N VAL A 176 5.18 -19.70 19.64
CA VAL A 176 5.37 -19.28 21.05
C VAL A 176 4.92 -17.82 21.17
N ARG A 177 3.59 -17.67 21.20
CA ARG A 177 2.95 -16.34 21.28
C ARG A 177 3.41 -15.56 22.54
N PRO A 178 3.66 -16.27 23.69
CA PRO A 178 4.16 -15.54 24.86
C PRO A 178 5.44 -14.76 24.61
N ASN A 179 6.38 -15.28 23.82
CA ASN A 179 7.63 -14.54 23.58
C ASN A 179 7.37 -13.29 22.75
N TYR A 180 6.40 -13.40 21.83
CA TYR A 180 5.91 -12.30 20.98
C TYR A 180 5.34 -11.19 21.84
N ILE A 181 4.47 -11.59 22.76
CA ILE A 181 3.78 -10.65 23.69
C ILE A 181 4.74 -9.92 24.63
N LYS A 182 5.69 -10.66 25.21
CA LYS A 182 6.69 -10.06 26.08
C LYS A 182 7.49 -9.04 25.24
N ALA A 183 7.84 -9.38 24.01
CA ALA A 183 8.57 -8.47 23.13
C ALA A 183 7.81 -7.18 22.75
N PHE A 184 6.48 -7.24 22.65
CA PHE A 184 5.63 -6.13 22.22
C PHE A 184 5.76 -4.97 23.21
N PHE A 185 5.93 -5.31 24.47
CA PHE A 185 6.15 -4.36 25.52
C PHE A 185 7.44 -3.55 25.43
N GLU A 186 8.47 -4.06 24.77
CA GLU A 186 9.65 -3.26 24.45
C GLU A 186 9.42 -2.23 23.35
N VAL A 187 8.39 -2.38 22.51
CA VAL A 187 8.28 -1.46 21.39
C VAL A 187 6.99 -0.65 21.43
N ILE A 188 6.43 -0.48 22.60
CA ILE A 188 5.21 0.31 22.67
C ILE A 188 5.54 1.81 22.60
N ASN A 189 4.75 2.54 21.82
CA ASN A 189 4.82 3.99 21.79
C ASN A 189 3.82 4.62 22.76
N TRP A 190 4.24 4.80 24.00
CA TRP A 190 3.41 5.36 25.07
C TRP A 190 2.84 6.74 24.80
N ASN A 191 3.49 7.46 23.88
CA ASN A 191 2.98 8.75 23.45
C ASN A 191 1.75 8.58 22.55
N THR A 192 1.76 7.59 21.66
CA THR A 192 0.51 7.27 20.97
C THR A 192 -0.56 6.86 22.04
N VAL A 193 -0.19 6.07 23.07
CA VAL A 193 -1.16 5.69 24.10
C VAL A 193 -1.74 6.89 24.87
N ALA A 194 -0.89 7.79 25.33
CA ALA A 194 -1.38 9.00 26.02
C ALA A 194 -2.39 9.76 25.17
N ARG A 195 -2.04 9.92 23.90
CA ARG A 195 -2.81 10.75 23.00
C ARG A 195 -4.17 10.15 22.81
N LEU A 196 -4.22 8.84 22.54
CA LEU A 196 -5.51 8.12 22.45
C LEU A 196 -6.27 8.21 23.76
N TYR A 197 -5.55 8.22 24.87
CA TYR A 197 -6.21 8.20 26.15
C TYR A 197 -6.89 9.55 26.41
N ALA A 198 -6.15 10.63 26.13
CA ALA A 198 -6.66 11.99 26.19
C ALA A 198 -7.90 12.15 25.31
N GLU A 199 -7.78 11.74 24.04
CA GLU A 199 -8.92 11.73 23.11
C GLU A 199 -10.15 10.95 23.62
N ALA A 200 -9.94 9.76 24.20
CA ALA A 200 -11.10 9.02 24.73
C ALA A 200 -11.83 9.77 25.83
N LEU A 201 -11.08 10.34 26.77
CA LEU A 201 -11.71 11.07 27.88
C LEU A 201 -12.37 12.34 27.38
N THR A 202 -11.80 12.92 26.34
CA THR A 202 -12.25 14.22 25.87
C THR A 202 -13.37 14.14 24.82
N LEU A 203 -13.79 12.93 24.47
CA LEU A 203 -15.09 12.80 23.87
C LEU A 203 -15.94 11.89 24.77
N GLU A 204 -16.81 12.50 25.58
CA GLU A 204 -17.77 11.78 26.43
C GLU A 204 -18.98 12.65 26.74
N ALA B 2 -6.32 -41.63 28.62
CA ALA B 2 -5.99 -40.26 28.18
C ALA B 2 -5.98 -40.20 26.64
N ILE B 3 -6.10 -38.99 26.10
CA ILE B 3 -5.99 -38.80 24.68
C ILE B 3 -4.50 -38.89 24.39
N LEU B 4 -4.14 -39.55 23.29
CA LEU B 4 -2.73 -39.62 22.91
C LEU B 4 -2.49 -38.90 21.60
N LEU B 5 -1.27 -38.37 21.42
CA LEU B 5 -0.90 -37.74 20.17
C LEU B 5 -0.62 -38.83 19.17
N PRO B 6 -1.43 -38.95 18.10
CA PRO B 6 -1.00 -39.98 17.15
C PRO B 6 0.32 -39.60 16.43
N ASP B 7 1.15 -40.59 16.06
CA ASP B 7 2.25 -40.35 15.09
C ASP B 7 1.79 -39.94 13.71
N LEU B 8 2.66 -39.20 13.04
CA LEU B 8 2.41 -38.90 11.66
C LEU B 8 2.68 -40.22 11.02
N PRO B 9 1.80 -40.63 10.10
CA PRO B 9 2.06 -41.89 9.45
C PRO B 9 2.94 -41.74 8.20
N TYR B 10 3.96 -40.85 8.26
CA TYR B 10 4.98 -40.69 7.22
C TYR B 10 5.97 -39.72 7.83
N ALA B 11 7.09 -39.54 7.14
CA ALA B 11 8.14 -38.69 7.61
C ALA B 11 7.68 -37.23 7.54
N TYR B 12 8.11 -36.43 8.51
CA TYR B 12 7.88 -34.98 8.55
C TYR B 12 8.06 -34.26 7.19
N ASP B 13 8.96 -34.79 6.36
CA ASP B 13 9.28 -34.18 5.07
C ASP B 13 8.63 -34.91 3.90
N ALA B 14 7.74 -35.86 4.17
CA ALA B 14 7.14 -36.62 3.09
C ALA B 14 6.22 -35.83 2.15
N LEU B 15 5.83 -34.60 2.53
CA LEU B 15 4.84 -33.87 1.74
C LEU B 15 5.49 -32.74 0.98
N GLU B 16 6.81 -32.67 1.11
CA GLU B 16 7.56 -31.65 0.46
C GLU B 16 7.47 -31.87 -1.05
N PRO B 17 7.54 -30.82 -1.88
CA PRO B 17 7.64 -29.38 -1.62
C PRO B 17 6.29 -28.73 -1.23
N TYR B 18 5.22 -29.52 -1.19
CA TYR B 18 3.86 -28.91 -0.99
C TYR B 18 3.64 -28.37 0.39
N ILE B 19 3.95 -29.21 1.40
CA ILE B 19 4.03 -28.71 2.79
C ILE B 19 5.43 -29.01 3.28
N ASP B 20 6.01 -27.98 3.89
CA ASP B 20 7.38 -27.99 4.29
C ASP B 20 7.52 -28.72 5.65
N ALA B 21 8.63 -29.42 5.81
CA ALA B 21 8.94 -30.26 6.96
C ALA B 21 8.97 -29.53 8.28
N GLU B 22 9.37 -28.26 8.29
CA GLU B 22 9.38 -27.53 9.54
C GLU B 22 7.94 -27.27 10.05
N THR B 23 7.04 -27.03 9.12
CA THR B 23 5.64 -26.77 9.47
C THR B 23 5.08 -28.08 10.00
N MET B 24 5.36 -29.18 9.31
CA MET B 24 4.81 -30.46 9.73
C MET B 24 5.27 -30.77 11.13
N THR B 25 6.52 -30.48 11.40
CA THR B 25 7.07 -30.71 12.70
C THR B 25 6.35 -29.90 13.80
N LEU B 26 6.26 -28.58 13.65
CA LEU B 26 5.60 -27.74 14.66
C LEU B 26 4.09 -28.03 14.73
N HIS B 27 3.49 -28.17 13.54
CA HIS B 27 2.08 -28.38 13.47
C HIS B 27 1.73 -29.63 14.25
N HIS B 28 2.52 -30.70 14.07
CA HIS B 28 2.27 -31.91 14.83
C HIS B 28 2.87 -31.98 16.25
N ASP B 29 4.14 -31.60 16.40
CA ASP B 29 4.81 -31.81 17.73
C ASP B 29 4.48 -30.70 18.69
N LYS B 30 4.04 -29.55 18.18
CA LYS B 30 3.74 -28.41 19.04
C LYS B 30 2.22 -28.07 19.17
N HIS B 31 1.58 -27.70 18.05
CA HIS B 31 0.20 -27.37 18.02
C HIS B 31 -0.67 -28.56 18.38
N HIS B 32 -0.59 -29.64 17.62
CA HIS B 32 -1.36 -30.78 17.95
C HIS B 32 -1.11 -31.33 19.38
N ALA B 33 0.14 -31.42 19.81
CA ALA B 33 0.46 -31.93 21.12
C ALA B 33 -0.17 -31.06 22.21
N THR B 34 -0.26 -29.75 21.98
CA THR B 34 -0.86 -28.86 22.95
C THR B 34 -2.34 -29.10 23.05
N TYR B 35 -2.99 -29.39 21.93
CA TYR B 35 -4.42 -29.71 21.96
C TYR B 35 -4.64 -30.97 22.81
N VAL B 36 -3.83 -31.98 22.61
CA VAL B 36 -3.99 -33.19 23.39
C VAL B 36 -3.70 -32.94 24.89
N ALA B 37 -2.64 -32.16 25.19
CA ALA B 37 -2.26 -31.91 26.57
C ALA B 37 -3.42 -31.19 27.27
N ASN B 38 -3.93 -30.13 26.63
CA ASN B 38 -5.09 -29.36 27.19
C ASN B 38 -6.38 -30.14 27.28
N ALA B 39 -6.58 -31.08 26.35
CA ALA B 39 -7.82 -31.84 26.35
C ALA B 39 -7.78 -32.82 27.51
N ASN B 40 -6.62 -33.43 27.71
CA ASN B 40 -6.44 -34.24 28.91
C ASN B 40 -6.68 -33.41 30.18
N ALA B 41 -6.19 -32.19 30.23
CA ALA B 41 -6.32 -31.52 31.54
C ALA B 41 -7.77 -31.19 31.85
N ALA B 42 -8.45 -30.68 30.84
CA ALA B 42 -9.89 -30.50 30.94
C ALA B 42 -10.64 -31.74 31.33
N LEU B 43 -10.35 -32.88 30.69
CA LEU B 43 -11.08 -34.12 30.95
C LEU B 43 -10.77 -34.70 32.33
N GLU B 44 -9.49 -34.55 32.77
CA GLU B 44 -9.07 -34.96 34.12
C GLU B 44 -10.07 -34.38 35.12
N LYS B 45 -10.54 -33.15 34.88
CA LYS B 45 -11.47 -32.50 35.81
C LYS B 45 -12.84 -33.16 35.97
N HIS B 46 -13.24 -33.97 35.00
CA HIS B 46 -14.57 -34.55 34.99
C HIS B 46 -14.41 -35.93 34.41
N PRO B 47 -13.81 -36.85 35.20
CA PRO B 47 -13.63 -38.25 34.77
C PRO B 47 -14.95 -38.97 34.46
N GLU B 48 -16.01 -38.58 35.15
CA GLU B 48 -17.30 -39.24 34.96
C GLU B 48 -17.81 -39.16 33.52
N ILE B 49 -17.36 -38.18 32.72
CA ILE B 49 -17.88 -38.06 31.32
C ILE B 49 -17.18 -38.97 30.33
N GLY B 50 -16.07 -39.62 30.75
CA GLY B 50 -15.25 -40.50 29.88
C GLY B 50 -14.26 -39.74 28.97
N GLU B 51 -13.88 -40.33 27.83
CA GLU B 51 -12.97 -39.63 26.91
C GLU B 51 -13.22 -39.79 25.40
N ASN B 52 -14.39 -40.26 25.02
CA ASN B 52 -14.73 -40.39 23.62
C ASN B 52 -15.10 -39.02 22.98
N LEU B 53 -14.09 -38.29 22.51
CA LEU B 53 -14.27 -36.94 21.98
C LEU B 53 -15.35 -36.82 20.90
N GLU B 54 -15.38 -37.75 19.95
CA GLU B 54 -16.38 -37.74 18.88
C GLU B 54 -17.78 -37.87 19.38
N VAL B 55 -17.94 -38.55 20.51
CA VAL B 55 -19.26 -38.60 21.06
C VAL B 55 -19.52 -37.30 21.86
N LEU B 56 -18.60 -36.92 22.75
CA LEU B 56 -18.79 -35.71 23.57
C LEU B 56 -19.04 -34.44 22.75
N LEU B 57 -18.27 -34.26 21.67
CA LEU B 57 -18.34 -33.02 20.87
C LEU B 57 -19.51 -33.03 19.80
N ALA B 58 -20.17 -34.17 19.62
CA ALA B 58 -21.36 -34.17 18.77
C ALA B 58 -22.51 -33.37 19.44
N ASP B 59 -22.49 -33.28 20.77
CA ASP B 59 -23.48 -32.45 21.49
C ASP B 59 -22.81 -31.77 22.67
N VAL B 60 -22.27 -30.58 22.39
CA VAL B 60 -21.36 -29.86 23.28
C VAL B 60 -21.98 -29.48 24.63
N GLU B 61 -23.31 -29.32 24.67
CA GLU B 61 -24.02 -28.96 25.93
C GLU B 61 -24.07 -30.09 26.98
N GLN B 62 -23.79 -31.32 26.55
CA GLN B 62 -23.57 -32.46 27.46
C GLN B 62 -22.28 -32.33 28.21
N ILE B 63 -21.40 -31.48 27.72
CA ILE B 63 -20.13 -31.33 28.35
C ILE B 63 -20.35 -30.33 29.47
N PRO B 64 -19.89 -30.64 30.70
CA PRO B 64 -20.13 -29.70 31.79
C PRO B 64 -19.59 -28.33 31.39
N ALA B 65 -20.30 -27.29 31.78
CA ALA B 65 -19.98 -25.91 31.44
C ALA B 65 -18.56 -25.46 31.73
N ASP B 66 -18.02 -25.81 32.89
CA ASP B 66 -16.72 -25.25 33.29
C ASP B 66 -15.55 -25.74 32.41
N ILE B 67 -15.76 -26.78 31.61
CA ILE B 67 -14.76 -27.25 30.66
C ILE B 67 -15.20 -27.23 29.20
N ARG B 68 -16.39 -26.72 28.94
CA ARG B 68 -16.98 -26.88 27.63
C ARG B 68 -16.12 -26.16 26.56
N GLN B 69 -15.83 -24.88 26.70
CA GLN B 69 -15.19 -24.16 25.58
C GLN B 69 -13.75 -24.69 25.39
N SER B 70 -13.09 -25.00 26.51
CA SER B 70 -11.80 -25.59 26.44
C SER B 70 -11.81 -26.99 25.75
N LEU B 71 -12.87 -27.78 25.93
CA LEU B 71 -12.91 -29.05 25.22
C LEU B 71 -13.25 -28.86 23.77
N ILE B 72 -14.18 -27.94 23.50
CA ILE B 72 -14.50 -27.61 22.13
C ILE B 72 -13.19 -27.25 21.48
N ASN B 73 -12.40 -26.36 22.13
CA ASN B 73 -11.21 -25.86 21.46
C ASN B 73 -10.10 -26.89 21.33
N ASN B 74 -9.72 -27.51 22.43
CA ASN B 74 -8.58 -28.43 22.43
C ASN B 74 -8.97 -29.84 22.05
N GLY B 75 -10.12 -30.30 22.56
CA GLY B 75 -10.68 -31.56 22.10
C GLY B 75 -10.97 -31.50 20.59
N GLY B 76 -11.46 -30.35 20.11
CA GLY B 76 -11.74 -30.19 18.67
C GLY B 76 -10.40 -30.13 17.93
N GLY B 77 -9.42 -29.38 18.47
CA GLY B 77 -8.11 -29.30 17.83
C GLY B 77 -7.54 -30.70 17.66
N HIS B 78 -7.62 -31.50 18.71
CA HIS B 78 -7.18 -32.90 18.59
C HIS B 78 -7.86 -33.68 17.48
N LEU B 79 -9.19 -33.69 17.42
CA LEU B 79 -9.88 -34.48 16.38
C LEU B 79 -9.58 -33.91 15.01
N ASN B 80 -9.55 -32.59 14.87
CA ASN B 80 -9.40 -32.04 13.51
C ASN B 80 -8.03 -32.43 12.95
N HIS B 81 -7.01 -32.36 13.81
CA HIS B 81 -5.67 -32.65 13.39
C HIS B 81 -5.40 -34.13 13.17
N ALA B 82 -5.82 -34.99 14.10
CA ALA B 82 -5.81 -36.42 13.80
C ALA B 82 -6.39 -36.75 12.42
N LEU B 83 -7.58 -36.21 12.12
CA LEU B 83 -8.19 -36.46 10.82
C LEU B 83 -7.28 -35.93 9.72
N PHE B 84 -6.73 -34.74 9.93
CA PHE B 84 -5.92 -34.07 8.91
C PHE B 84 -4.64 -34.80 8.45
N TRP B 85 -3.86 -35.33 9.41
CA TRP B 85 -2.65 -36.15 9.08
C TRP B 85 -3.00 -37.35 8.20
N GLU B 86 -4.18 -37.90 8.38
CA GLU B 86 -4.53 -39.13 7.64
C GLU B 86 -5.01 -38.81 6.23
N LEU B 87 -5.47 -37.58 6.03
CA LEU B 87 -5.97 -37.10 4.72
C LEU B 87 -4.83 -36.63 3.84
N LEU B 88 -3.61 -36.59 4.39
CA LEU B 88 -2.45 -36.20 3.61
C LEU B 88 -1.71 -37.49 3.18
N SER B 89 -1.17 -37.49 1.95
CA SER B 89 -0.46 -38.68 1.40
C SER B 89 0.83 -38.29 0.67
N PRO B 90 1.95 -38.92 1.03
CA PRO B 90 3.14 -38.63 0.23
C PRO B 90 2.98 -39.20 -1.18
N GLU B 91 2.17 -40.23 -1.33
CA GLU B 91 1.96 -40.83 -2.66
C GLU B 91 0.66 -40.32 -3.28
N LYS B 92 0.70 -39.95 -4.57
CA LYS B 92 -0.49 -39.44 -5.25
C LYS B 92 -1.56 -40.51 -5.28
N THR B 93 -2.80 -40.09 -5.07
CA THR B 93 -3.96 -40.99 -5.09
C THR B 93 -5.06 -40.40 -5.96
N LYS B 94 -6.05 -41.22 -6.29
CA LYS B 94 -7.19 -40.83 -7.12
C LYS B 94 -8.51 -40.90 -6.38
N VAL B 95 -9.40 -39.98 -6.68
CA VAL B 95 -10.72 -39.86 -6.08
C VAL B 95 -11.38 -41.14 -6.40
N THR B 96 -11.98 -41.83 -5.43
CA THR B 96 -12.58 -43.14 -5.76
C THR B 96 -13.90 -43.01 -6.46
N ALA B 97 -14.21 -44.02 -7.25
CA ALA B 97 -15.41 -44.04 -8.08
C ALA B 97 -16.70 -43.60 -7.35
N GLU B 98 -16.96 -44.16 -6.17
CA GLU B 98 -18.15 -43.78 -5.41
C GLU B 98 -18.03 -42.36 -4.85
N VAL B 99 -16.83 -41.98 -4.44
CA VAL B 99 -16.67 -40.63 -3.91
C VAL B 99 -16.91 -39.66 -5.04
N ALA B 100 -16.38 -39.99 -6.23
CA ALA B 100 -16.53 -39.13 -7.44
C ALA B 100 -17.96 -38.99 -7.87
N ALA B 101 -18.72 -40.08 -7.74
CA ALA B 101 -20.10 -40.11 -8.21
C ALA B 101 -20.96 -39.24 -7.31
N ALA B 102 -20.79 -39.46 -5.99
CA ALA B 102 -21.36 -38.58 -4.93
C ALA B 102 -21.09 -37.06 -5.15
N ILE B 103 -19.91 -36.76 -5.69
CA ILE B 103 -19.57 -35.37 -5.99
C ILE B 103 -20.33 -34.76 -7.18
N ASN B 104 -20.28 -35.44 -8.34
CA ASN B 104 -21.06 -35.05 -9.49
C ASN B 104 -22.50 -34.82 -9.09
N GLU B 105 -22.99 -35.68 -8.22
CA GLU B 105 -24.35 -35.60 -7.79
C GLU B 105 -24.53 -34.30 -6.98
N ALA B 106 -23.60 -34.04 -6.06
CA ALA B 106 -23.77 -32.88 -5.17
C ALA B 106 -23.45 -31.58 -5.86
N PHE B 107 -22.39 -31.59 -6.68
CA PHE B 107 -21.86 -30.35 -7.21
C PHE B 107 -21.93 -30.24 -8.72
N GLY B 108 -22.10 -31.36 -9.43
CA GLY B 108 -22.24 -31.35 -10.89
C GLY B 108 -21.00 -31.87 -11.64
N SER B 109 -19.81 -31.62 -11.12
CA SER B 109 -18.58 -32.10 -11.73
C SER B 109 -17.59 -32.03 -10.64
N PHE B 110 -16.37 -32.52 -10.90
CA PHE B 110 -15.34 -32.49 -9.90
C PHE B 110 -14.79 -31.07 -9.72
N ASP B 111 -14.61 -30.37 -10.84
CA ASP B 111 -14.10 -28.98 -10.82
C ASP B 111 -14.96 -27.97 -10.11
N ASP B 112 -16.26 -28.24 -10.07
CA ASP B 112 -17.24 -27.46 -9.35
C ASP B 112 -17.06 -27.67 -7.86
N PHE B 113 -16.95 -28.93 -7.43
CA PHE B 113 -16.57 -29.25 -6.07
C PHE B 113 -15.28 -28.52 -5.65
N LYS B 114 -14.22 -28.66 -6.45
CA LYS B 114 -12.90 -28.15 -6.12
C LYS B 114 -12.93 -26.64 -5.96
N ALA B 115 -13.77 -25.99 -6.77
CA ALA B 115 -14.00 -24.56 -6.73
C ALA B 115 -14.84 -24.14 -5.52
N ALA B 116 -15.86 -24.91 -5.18
CA ALA B 116 -16.67 -24.62 -4.00
C ALA B 116 -15.76 -24.84 -2.75
N PHE B 117 -15.01 -25.93 -2.76
CA PHE B 117 -14.09 -26.19 -1.68
C PHE B 117 -13.02 -25.09 -1.55
N THR B 118 -12.34 -24.78 -2.65
CA THR B 118 -11.31 -23.75 -2.63
C THR B 118 -11.94 -22.47 -2.06
N ALA B 119 -13.19 -22.16 -2.45
CA ALA B 119 -13.73 -20.88 -1.99
C ALA B 119 -14.15 -20.85 -0.52
N ALA B 120 -14.60 -21.98 0.03
CA ALA B 120 -14.94 -22.04 1.45
C ALA B 120 -13.62 -21.82 2.22
N ALA B 121 -12.52 -22.37 1.68
CA ALA B 121 -11.18 -22.25 2.32
C ALA B 121 -10.57 -20.86 2.23
N THR B 122 -10.75 -20.18 1.09
CA THR B 122 -10.30 -18.82 0.86
C THR B 122 -10.99 -17.84 1.75
N THR B 123 -12.30 -17.96 1.88
CA THR B 123 -13.05 -16.89 2.49
C THR B 123 -13.36 -17.12 3.96
N ARG B 124 -12.80 -18.16 4.57
CA ARG B 124 -12.94 -18.37 6.00
C ARG B 124 -12.03 -17.35 6.66
N PHE B 125 -12.64 -16.36 7.27
CA PHE B 125 -11.92 -15.18 7.69
C PHE B 125 -11.41 -15.46 9.10
N GLY B 126 -10.13 -15.19 9.34
CA GLY B 126 -9.48 -15.62 10.57
C GLY B 126 -9.04 -17.08 10.49
N SER B 127 -9.15 -17.78 11.60
CA SER B 127 -8.66 -19.13 11.79
C SER B 127 -9.80 -20.09 11.56
N GLY B 128 -9.53 -21.22 10.91
CA GLY B 128 -10.54 -22.27 10.84
C GLY B 128 -10.19 -23.37 9.85
N TRP B 129 -11.22 -24.03 9.30
CA TRP B 129 -11.10 -25.26 8.52
C TRP B 129 -12.14 -25.22 7.41
N ALA B 130 -11.77 -25.74 6.24
CA ALA B 130 -12.70 -25.97 5.13
C ALA B 130 -13.00 -27.45 5.19
N TRP B 131 -14.24 -27.83 4.87
CA TRP B 131 -14.69 -29.19 4.94
C TRP B 131 -15.54 -29.70 3.75
N LEU B 132 -15.37 -30.99 3.44
CA LEU B 132 -16.39 -31.76 2.71
C LEU B 132 -17.12 -32.67 3.72
N VAL B 133 -18.45 -32.60 3.77
CA VAL B 133 -19.18 -33.41 4.75
C VAL B 133 -20.31 -34.20 4.11
N VAL B 134 -20.73 -35.27 4.82
CA VAL B 134 -21.90 -36.07 4.50
C VAL B 134 -23.02 -35.59 5.43
N ASP B 135 -24.08 -35.13 4.78
CA ASP B 135 -25.39 -34.81 5.36
C ASP B 135 -26.00 -35.90 6.21
N LYS B 136 -26.99 -35.52 7.00
CA LYS B 136 -27.89 -36.48 7.64
C LYS B 136 -28.78 -37.13 6.60
N GLU B 137 -28.83 -36.52 5.41
CA GLU B 137 -29.49 -37.14 4.26
C GLU B 137 -28.59 -38.01 3.39
N GLY B 138 -27.34 -38.24 3.78
CA GLY B 138 -26.38 -38.95 2.89
C GLY B 138 -25.82 -38.13 1.71
N LYS B 139 -26.14 -36.84 1.62
CA LYS B 139 -25.62 -35.93 0.59
C LYS B 139 -24.34 -35.18 0.99
N LEU B 140 -23.59 -34.74 0.00
CA LEU B 140 -22.35 -34.01 0.27
C LEU B 140 -22.57 -32.51 0.31
N GLU B 141 -21.79 -31.81 1.13
CA GLU B 141 -21.90 -30.36 1.20
C GLU B 141 -20.51 -29.85 1.39
N VAL B 142 -20.19 -28.68 0.85
CA VAL B 142 -19.02 -27.95 1.39
C VAL B 142 -19.42 -26.96 2.51
N THR B 143 -18.64 -26.93 3.60
CA THR B 143 -18.79 -25.96 4.69
CA THR B 143 -18.78 -25.95 4.67
C THR B 143 -17.41 -25.50 5.17
N SER B 144 -17.43 -24.55 6.10
CA SER B 144 -16.22 -24.07 6.71
C SER B 144 -16.57 -23.77 8.15
N THR B 145 -15.67 -24.06 9.09
CA THR B 145 -15.87 -23.70 10.48
C THR B 145 -14.76 -22.78 11.00
N ALA B 146 -15.06 -22.13 12.13
CA ALA B 146 -14.17 -21.22 12.82
C ALA B 146 -13.29 -21.98 13.82
N ASN B 147 -12.05 -21.53 13.90
CA ASN B 147 -11.15 -22.03 14.95
C ASN B 147 -10.93 -23.56 14.98
N GLN B 148 -11.28 -24.24 16.07
CA GLN B 148 -11.24 -25.72 16.08
C GLN B 148 -12.65 -26.32 16.08
N ASP B 149 -13.66 -25.51 15.79
CA ASP B 149 -15.08 -26.00 15.76
C ASP B 149 -15.17 -27.15 14.67
N THR B 150 -15.83 -28.26 14.97
CA THR B 150 -15.90 -29.35 14.04
C THR B 150 -17.33 -29.60 13.57
N PRO B 151 -17.49 -29.99 12.29
CA PRO B 151 -18.88 -30.18 11.82
C PRO B 151 -19.62 -31.33 12.52
N ILE B 152 -18.92 -32.24 13.19
CA ILE B 152 -19.61 -33.30 13.89
C ILE B 152 -20.47 -32.69 15.01
N SER B 153 -20.14 -31.47 15.45
CA SER B 153 -20.95 -30.72 16.43
C SER B 153 -22.31 -30.34 15.86
N GLN B 154 -22.43 -30.35 14.55
CA GLN B 154 -23.74 -30.18 13.96
C GLN B 154 -24.26 -31.43 13.32
N GLY B 155 -23.74 -32.59 13.72
CA GLY B 155 -24.19 -33.86 13.16
C GLY B 155 -23.82 -34.05 11.70
N LEU B 156 -22.73 -33.44 11.27
CA LEU B 156 -22.27 -33.64 9.91
C LEU B 156 -21.01 -34.51 9.96
N LYS B 157 -20.80 -35.40 8.97
CA LYS B 157 -19.62 -36.29 8.99
C LYS B 157 -18.56 -35.87 7.98
N PRO B 158 -17.41 -35.38 8.47
CA PRO B 158 -16.47 -34.85 7.53
C PRO B 158 -15.70 -35.99 6.90
N ILE B 159 -15.53 -35.88 5.59
CA ILE B 159 -14.73 -36.87 4.85
C ILE B 159 -13.54 -36.21 4.21
N LEU B 160 -13.46 -34.88 4.24
CA LEU B 160 -12.25 -34.12 3.83
C LEU B 160 -12.16 -32.82 4.59
N ALA B 161 -10.94 -32.33 4.80
CA ALA B 161 -10.66 -31.24 5.70
C ALA B 161 -9.35 -30.59 5.44
N LEU B 162 -9.37 -29.28 5.37
CA LEU B 162 -8.17 -28.56 5.22
C LEU B 162 -8.09 -27.53 6.33
N ASP B 163 -6.93 -27.42 6.95
CA ASP B 163 -6.72 -26.44 8.04
C ASP B 163 -6.27 -25.12 7.41
N VAL B 164 -6.98 -24.02 7.66
CA VAL B 164 -6.62 -22.74 7.08
C VAL B 164 -6.19 -21.73 8.18
N TRP B 165 -5.90 -22.22 9.38
CA TRP B 165 -5.13 -21.40 10.33
C TRP B 165 -3.81 -21.04 9.70
N GLU B 166 -3.36 -19.83 9.93
CA GLU B 166 -2.07 -19.36 9.38
C GLU B 166 -0.86 -20.24 9.68
N HIS B 167 -0.83 -20.85 10.86
CA HIS B 167 0.31 -21.69 11.18
C HIS B 167 0.47 -22.86 10.19
N ALA B 168 -0.61 -23.25 9.54
CA ALA B 168 -0.56 -24.36 8.59
C ALA B 168 0.13 -24.01 7.25
N TYR B 169 0.22 -22.71 6.92
CA TYR B 169 0.71 -22.36 5.57
C TYR B 169 1.67 -21.18 5.45
N TYR B 170 1.95 -20.52 6.58
CA TYR B 170 2.63 -19.26 6.52
C TYR B 170 4.11 -19.45 6.16
N LEU B 171 4.76 -20.53 6.59
CA LEU B 171 6.19 -20.69 6.36
C LEU B 171 6.42 -20.98 4.91
N ASN B 172 5.51 -21.73 4.26
CA ASN B 172 5.70 -22.10 2.87
C ASN B 172 5.10 -21.12 1.86
N TYR B 173 3.97 -20.48 2.23
CA TYR B 173 3.22 -19.65 1.30
C TYR B 173 3.02 -18.25 1.78
N ARG B 174 3.48 -17.94 2.99
CA ARG B 174 3.20 -16.60 3.54
C ARG B 174 1.69 -16.26 3.44
N ASN B 175 1.34 -15.08 2.90
CA ASN B 175 -0.06 -14.57 2.94
C ASN B 175 -0.91 -15.20 1.86
N VAL B 176 -0.24 -15.93 0.97
CA VAL B 176 -0.94 -16.33 -0.25
C VAL B 176 -1.73 -17.65 -0.08
N ARG B 177 -2.80 -17.59 0.71
CA ARG B 177 -3.53 -18.81 1.07
C ARG B 177 -3.99 -19.63 -0.14
N PRO B 178 -4.41 -18.96 -1.25
CA PRO B 178 -4.83 -19.79 -2.37
C PRO B 178 -3.72 -20.65 -3.00
N ASN B 179 -2.45 -20.28 -2.89
CA ASN B 179 -1.33 -21.15 -3.28
C ASN B 179 -1.28 -22.41 -2.41
N TYR B 180 -1.51 -22.23 -1.12
CA TYR B 180 -1.55 -23.39 -0.23
C TYR B 180 -2.78 -24.22 -0.50
N ILE B 181 -3.91 -23.58 -0.75
CA ILE B 181 -5.09 -24.41 -1.09
C ILE B 181 -4.82 -25.29 -2.32
N LYS B 182 -4.21 -24.72 -3.39
CA LYS B 182 -3.97 -25.51 -4.60
C LYS B 182 -3.05 -26.65 -4.31
N ALA B 183 -2.01 -26.37 -3.53
CA ALA B 183 -1.05 -27.37 -3.14
C ALA B 183 -1.67 -28.51 -2.37
N PHE B 184 -2.66 -28.22 -1.55
CA PHE B 184 -3.40 -29.27 -0.85
C PHE B 184 -3.93 -30.35 -1.79
N PHE B 185 -4.60 -29.91 -2.87
CA PHE B 185 -5.12 -30.90 -3.83
C PHE B 185 -4.06 -31.84 -4.35
N GLU B 186 -2.78 -31.48 -4.26
CA GLU B 186 -1.73 -32.38 -4.69
C GLU B 186 -1.52 -33.58 -3.74
N VAL B 187 -1.87 -33.44 -2.48
CA VAL B 187 -1.39 -34.38 -1.48
C VAL B 187 -2.54 -34.94 -0.66
N ILE B 188 -3.77 -34.83 -1.16
CA ILE B 188 -4.93 -35.45 -0.55
C ILE B 188 -4.82 -36.98 -0.66
N ASN B 189 -5.10 -37.68 0.43
CA ASN B 189 -5.16 -39.13 0.40
C ASN B 189 -6.60 -39.61 0.21
N TRP B 190 -7.01 -39.74 -1.05
CA TRP B 190 -8.42 -40.11 -1.39
C TRP B 190 -8.88 -41.47 -0.89
N ASN B 191 -7.96 -42.28 -0.39
CA ASN B 191 -8.29 -43.56 0.20
C ASN B 191 -8.90 -43.33 1.59
N THR B 192 -8.24 -42.51 2.40
CA THR B 192 -8.84 -41.97 3.63
C THR B 192 -10.24 -41.34 3.42
N VAL B 193 -10.41 -40.60 2.31
CA VAL B 193 -11.69 -39.95 1.97
C VAL B 193 -12.77 -41.01 1.73
N ALA B 194 -12.44 -42.00 0.91
CA ALA B 194 -13.29 -43.17 0.65
C ALA B 194 -13.68 -43.84 1.98
N ARG B 195 -12.70 -44.13 2.81
CA ARG B 195 -12.97 -44.90 4.04
C ARG B 195 -13.92 -44.08 4.94
N LEU B 196 -13.61 -42.79 5.06
CA LEU B 196 -14.44 -41.90 5.86
C LEU B 196 -15.85 -41.85 5.34
N TYR B 197 -15.98 -41.84 4.03
CA TYR B 197 -17.29 -41.69 3.43
C TYR B 197 -18.08 -42.97 3.56
N ALA B 198 -17.42 -44.11 3.29
CA ALA B 198 -17.99 -45.44 3.56
C ALA B 198 -18.54 -45.51 5.01
N GLU B 199 -17.69 -45.12 5.96
CA GLU B 199 -18.04 -45.11 7.36
C GLU B 199 -19.16 -44.13 7.62
N ALA B 200 -19.23 -43.07 6.83
CA ALA B 200 -20.31 -42.11 7.00
C ALA B 200 -21.66 -42.82 6.69
N LEU B 201 -21.77 -43.42 5.49
CA LEU B 201 -23.01 -44.08 5.05
C LEU B 201 -23.39 -45.28 5.90
N THR B 202 -22.44 -46.16 6.19
CA THR B 202 -22.77 -47.39 6.92
C THR B 202 -23.27 -47.09 8.34
N LEU B 203 -22.56 -46.29 9.11
CA LEU B 203 -23.08 -45.81 10.40
C LEU B 203 -24.17 -44.73 10.19
N GLU B 204 -25.30 -45.12 9.59
CA GLU B 204 -26.41 -44.20 9.30
C GLU B 204 -27.72 -44.93 9.11
N ALA C 2 0.24 25.17 13.42
CA ALA C 2 -0.11 24.39 12.19
C ALA C 2 0.10 25.33 11.06
N ILE C 3 0.72 24.85 9.98
CA ILE C 3 0.76 25.59 8.71
C ILE C 3 -0.64 25.92 8.23
N LEU C 4 -0.87 27.17 7.84
CA LEU C 4 -2.18 27.53 7.26
C LEU C 4 -1.95 27.84 5.81
N LEU C 5 -2.94 27.46 5.01
CA LEU C 5 -2.98 27.84 3.60
C LEU C 5 -3.29 29.32 3.59
N PRO C 6 -2.35 30.14 3.08
CA PRO C 6 -2.71 31.56 3.04
C PRO C 6 -3.69 31.87 1.89
N ASP C 7 -4.59 32.83 2.13
CA ASP C 7 -5.52 33.26 1.09
C ASP C 7 -4.80 33.99 0.01
N LEU C 8 -5.30 33.87 -1.19
CA LEU C 8 -4.84 34.76 -2.24
C LEU C 8 -5.19 36.19 -1.86
N PRO C 9 -4.28 37.12 -2.11
CA PRO C 9 -4.45 38.54 -1.89
C PRO C 9 -5.28 39.23 -2.97
N TYR C 10 -5.92 38.48 -3.86
CA TYR C 10 -6.73 39.12 -4.91
C TYR C 10 -7.72 38.05 -5.27
N ALA C 11 -8.73 38.39 -6.07
CA ALA C 11 -9.74 37.41 -6.40
C ALA C 11 -9.14 36.31 -7.34
N TYR C 12 -9.74 35.11 -7.38
CA TYR C 12 -9.29 34.03 -8.28
C TYR C 12 -9.16 34.44 -9.76
N ASP C 13 -9.99 35.38 -10.21
CA ASP C 13 -9.87 35.82 -11.63
C ASP C 13 -9.02 37.06 -11.85
N ALA C 14 -8.34 37.52 -10.79
CA ALA C 14 -7.62 38.80 -10.77
C ALA C 14 -6.45 38.88 -11.78
N LEU C 15 -5.96 37.73 -12.26
CA LEU C 15 -4.81 37.72 -13.15
C LEU C 15 -5.14 37.46 -14.63
N GLU C 16 -6.41 37.30 -14.99
CA GLU C 16 -6.80 37.16 -16.39
C GLU C 16 -6.26 38.34 -17.17
N PRO C 17 -5.92 38.12 -18.47
CA PRO C 17 -5.94 36.87 -19.24
C PRO C 17 -4.64 36.07 -19.07
N TYR C 18 -3.71 36.61 -18.30
CA TYR C 18 -2.37 36.05 -18.22
C TYR C 18 -2.29 34.70 -17.48
N ILE C 19 -3.11 34.55 -16.42
CA ILE C 19 -3.27 33.30 -15.67
C ILE C 19 -4.76 33.17 -15.48
N ASP C 20 -5.33 32.05 -15.93
CA ASP C 20 -6.78 31.83 -15.90
C ASP C 20 -7.31 31.48 -14.51
N ALA C 21 -8.55 31.91 -14.24
CA ALA C 21 -9.12 31.76 -12.92
C ALA C 21 -9.15 30.26 -12.52
N GLU C 22 -9.36 29.38 -13.49
CA GLU C 22 -9.48 27.98 -13.11
C GLU C 22 -8.14 27.50 -12.51
N THR C 23 -7.04 27.86 -13.15
CA THR C 23 -5.75 27.47 -12.64
C THR C 23 -5.50 28.09 -11.24
N MET C 24 -5.72 29.41 -11.12
CA MET C 24 -5.70 30.01 -9.79
C MET C 24 -6.44 29.17 -8.73
N THR C 25 -7.71 28.87 -8.97
CA THR C 25 -8.50 28.09 -8.04
C THR C 25 -7.86 26.75 -7.69
N LEU C 26 -7.58 25.93 -8.70
CA LEU C 26 -6.96 24.60 -8.46
C LEU C 26 -5.54 24.68 -7.85
N HIS C 27 -4.72 25.57 -8.40
CA HIS C 27 -3.35 25.69 -7.97
C HIS C 27 -3.30 26.01 -6.48
N HIS C 28 -4.19 26.92 -6.05
CA HIS C 28 -4.26 27.37 -4.64
C HIS C 28 -5.03 26.42 -3.76
N ASP C 29 -6.23 26.04 -4.23
CA ASP C 29 -7.23 25.39 -3.37
C ASP C 29 -6.94 23.94 -3.39
N LYS C 30 -6.23 23.46 -4.41
CA LYS C 30 -5.95 22.04 -4.44
C LYS C 30 -4.47 21.72 -4.25
N HIS C 31 -3.59 22.23 -5.13
CA HIS C 31 -2.19 21.84 -5.05
C HIS C 31 -1.57 22.34 -3.76
N HIS C 32 -1.82 23.60 -3.45
CA HIS C 32 -1.17 24.20 -2.33
C HIS C 32 -1.79 23.63 -1.05
N ALA C 33 -3.11 23.50 -1.05
CA ALA C 33 -3.79 22.89 0.08
C ALA C 33 -3.16 21.52 0.44
N THR C 34 -2.85 20.72 -0.56
CA THR C 34 -2.25 19.40 -0.35
C THR C 34 -0.86 19.47 0.23
N TYR C 35 -0.06 20.41 -0.24
CA TYR C 35 1.23 20.60 0.40
C TYR C 35 1.07 20.94 1.86
N VAL C 36 0.15 21.87 2.20
CA VAL C 36 -0.02 22.28 3.59
C VAL C 36 -0.45 21.11 4.48
N ALA C 37 -1.42 20.34 3.98
CA ALA C 37 -1.98 19.20 4.71
C ALA C 37 -0.87 18.18 5.01
N ASN C 38 -0.09 17.88 3.99
CA ASN C 38 1.00 16.91 4.11
C ASN C 38 2.16 17.38 4.96
N ALA C 39 2.53 18.65 4.80
CA ALA C 39 3.58 19.24 5.65
C ALA C 39 3.19 19.13 7.11
N ASN C 40 1.91 19.43 7.41
CA ASN C 40 1.38 19.34 8.74
C ASN C 40 1.35 17.89 9.20
N ALA C 41 1.03 16.97 8.29
CA ALA C 41 1.03 15.54 8.58
C ALA C 41 2.42 15.12 9.07
N ALA C 42 3.47 15.50 8.32
CA ALA C 42 4.87 15.27 8.72
C ALA C 42 5.30 16.00 10.03
N LEU C 43 4.98 17.28 10.17
CA LEU C 43 5.39 18.03 11.38
C LEU C 43 4.75 17.50 12.69
N GLU C 44 3.47 17.16 12.63
CA GLU C 44 2.78 16.45 13.72
C GLU C 44 3.53 15.24 14.29
N LYS C 45 4.40 14.60 13.49
CA LYS C 45 5.21 13.48 13.98
C LYS C 45 6.49 13.92 14.71
N HIS C 46 6.88 15.18 14.53
CA HIS C 46 8.02 15.68 15.25
C HIS C 46 7.77 17.06 15.84
N PRO C 47 6.78 17.14 16.77
CA PRO C 47 6.50 18.41 17.49
C PRO C 47 7.77 19.16 17.92
N GLU C 48 8.79 18.41 18.32
CA GLU C 48 10.01 18.99 18.84
C GLU C 48 10.74 19.93 17.86
N ILE C 49 10.63 19.70 16.54
CA ILE C 49 11.46 20.54 15.67
C ILE C 49 10.80 21.87 15.34
N GLY C 50 9.53 21.97 15.66
CA GLY C 50 8.87 23.24 15.55
C GLY C 50 8.27 23.33 14.18
N GLU C 51 7.88 24.53 13.79
CA GLU C 51 7.21 24.67 12.55
C GLU C 51 7.78 25.80 11.72
N ASN C 52 9.04 26.15 11.94
CA ASN C 52 9.66 27.19 11.16
C ASN C 52 10.32 26.66 9.85
N LEU C 53 9.49 26.37 8.84
CA LEU C 53 9.96 25.84 7.53
C LEU C 53 11.17 26.53 6.88
N GLU C 54 11.26 27.85 6.97
CA GLU C 54 12.44 28.57 6.46
C GLU C 54 13.72 28.17 7.19
N VAL C 55 13.68 28.02 8.50
CA VAL C 55 14.88 27.56 9.19
C VAL C 55 15.10 26.07 8.92
N LEU C 56 14.03 25.31 8.99
CA LEU C 56 14.11 23.86 8.90
C LEU C 56 14.64 23.39 7.53
N LEU C 57 14.17 24.04 6.47
CA LEU C 57 14.63 23.69 5.11
C LEU C 57 15.96 24.28 4.73
N ALA C 58 16.46 25.20 5.56
CA ALA C 58 17.78 25.81 5.32
C ALA C 58 18.91 24.80 5.55
N ASP C 59 18.67 23.81 6.38
CA ASP C 59 19.55 22.72 6.41
C ASP C 59 18.76 21.43 6.58
N VAL C 60 18.52 20.78 5.43
CA VAL C 60 17.57 19.69 5.33
C VAL C 60 18.01 18.43 6.09
N GLU C 61 19.31 18.21 6.18
CA GLU C 61 19.86 17.08 6.94
C GLU C 61 19.53 17.08 8.42
N GLN C 62 19.15 18.24 8.97
CA GLN C 62 18.68 18.30 10.34
C GLN C 62 17.21 17.86 10.44
N ILE C 63 16.53 17.66 9.30
CA ILE C 63 15.17 17.10 9.39
C ILE C 63 15.32 15.61 9.63
N PRO C 64 14.68 15.08 10.71
CA PRO C 64 14.59 13.64 10.99
C PRO C 64 14.20 12.81 9.73
N ALA C 65 14.78 11.61 9.57
CA ALA C 65 14.75 10.95 8.26
C ALA C 65 13.38 10.40 7.85
N ASP C 66 12.59 9.91 8.81
CA ASP C 66 11.27 9.44 8.48
C ASP C 66 10.37 10.52 7.87
N ILE C 67 10.70 11.83 7.98
CA ILE C 67 9.83 12.89 7.42
C ILE C 67 10.56 13.86 6.47
N ARG C 68 11.81 13.50 6.14
CA ARG C 68 12.73 14.42 5.49
C ARG C 68 12.33 14.81 4.06
N GLN C 69 12.08 13.83 3.20
CA GLN C 69 11.76 14.10 1.80
C GLN C 69 10.34 14.68 1.74
N SER C 70 9.49 14.23 2.65
CA SER C 70 8.17 14.72 2.72
C SER C 70 8.19 16.23 3.04
N LEU C 71 9.04 16.62 3.98
CA LEU C 71 9.09 18.01 4.40
C LEU C 71 9.76 18.85 3.32
N ILE C 72 10.78 18.29 2.66
CA ILE C 72 11.37 18.95 1.49
C ILE C 72 10.30 19.17 0.40
N ASN C 73 9.52 18.13 0.11
CA ASN C 73 8.57 18.18 -1.00
C ASN C 73 7.38 19.00 -0.68
N ASN C 74 6.82 18.77 0.50
CA ASN C 74 5.57 19.42 0.85
C ASN C 74 5.81 20.73 1.61
N GLY C 75 6.81 20.76 2.50
CA GLY C 75 7.12 22.00 3.25
C GLY C 75 7.66 22.96 2.19
N GLY C 76 8.36 22.41 1.21
CA GLY C 76 8.87 23.23 0.12
C GLY C 76 7.76 23.70 -0.81
N GLY C 77 6.77 22.83 -1.03
CA GLY C 77 5.56 23.21 -1.75
C GLY C 77 4.91 24.44 -1.14
N HIS C 78 4.73 24.37 0.16
CA HIS C 78 4.15 25.45 0.91
C HIS C 78 4.87 26.75 0.75
N LEU C 79 6.18 26.72 1.03
CA LEU C 79 6.94 27.96 0.99
C LEU C 79 6.89 28.53 -0.42
N ASN C 80 7.07 27.66 -1.43
CA ASN C 80 7.20 28.11 -2.82
C ASN C 80 5.96 28.80 -3.30
N HIS C 81 4.80 28.19 -3.11
CA HIS C 81 3.55 28.83 -3.51
C HIS C 81 3.10 30.01 -2.63
N ALA C 82 3.26 29.91 -1.31
CA ALA C 82 2.97 31.07 -0.42
C ALA C 82 3.68 32.32 -1.00
N LEU C 83 4.94 32.11 -1.41
CA LEU C 83 5.77 33.11 -1.99
C LEU C 83 5.23 33.56 -3.35
N PHE C 84 4.92 32.59 -4.19
CA PHE C 84 4.46 32.83 -5.54
C PHE C 84 3.18 33.69 -5.58
N TRP C 85 2.24 33.45 -4.68
CA TRP C 85 1.04 34.23 -4.69
C TRP C 85 1.31 35.71 -4.38
N GLU C 86 2.25 36.00 -3.48
CA GLU C 86 2.57 37.38 -3.17
C GLU C 86 3.34 38.05 -4.25
N LEU C 87 3.86 37.25 -5.19
CA LEU C 87 4.67 37.79 -6.30
C LEU C 87 3.87 38.12 -7.58
N LEU C 88 2.61 37.74 -7.61
CA LEU C 88 1.74 38.10 -8.71
C LEU C 88 0.91 39.28 -8.25
N SER C 89 0.65 40.18 -9.19
CA SER C 89 -0.17 41.38 -8.94
C SER C 89 -1.13 41.67 -10.07
N PRO C 90 -2.40 41.98 -9.75
CA PRO C 90 -3.38 42.32 -10.78
C PRO C 90 -3.15 43.70 -11.35
N GLU C 91 -2.52 44.57 -10.56
CA GLU C 91 -2.31 45.98 -10.91
C GLU C 91 -0.84 46.09 -11.27
N LYS C 92 -0.54 46.62 -12.44
CA LYS C 92 0.86 46.66 -12.91
C LYS C 92 1.81 47.29 -11.87
N THR C 93 3.05 46.82 -11.79
CA THR C 93 4.12 47.44 -10.95
C THR C 93 5.38 47.69 -11.77
N LYS C 94 6.24 48.57 -11.27
CA LYS C 94 7.56 48.82 -11.85
C LYS C 94 8.62 48.34 -10.91
N VAL C 95 9.69 47.78 -11.48
CA VAL C 95 10.94 47.53 -10.78
C VAL C 95 11.36 48.80 -10.02
N THR C 96 11.68 48.64 -8.74
CA THR C 96 12.12 49.75 -7.94
C THR C 96 13.58 49.92 -8.17
N ALA C 97 14.07 51.09 -7.77
CA ALA C 97 15.33 51.58 -8.23
C ALA C 97 16.47 50.72 -7.72
N GLU C 98 16.44 50.37 -6.42
CA GLU C 98 17.50 49.58 -5.80
C GLU C 98 17.53 48.11 -6.31
N VAL C 99 16.38 47.57 -6.70
CA VAL C 99 16.32 46.24 -7.35
C VAL C 99 16.81 46.36 -8.81
N ALA C 100 16.34 47.42 -9.51
CA ALA C 100 16.77 47.69 -10.87
C ALA C 100 18.32 47.85 -10.96
N ALA C 101 18.89 48.58 -9.99
CA ALA C 101 20.38 48.75 -9.83
C ALA C 101 21.08 47.42 -9.64
N ALA C 102 20.64 46.65 -8.62
CA ALA C 102 21.23 45.33 -8.38
C ALA C 102 21.03 44.39 -9.60
N ILE C 103 19.88 44.48 -10.27
CA ILE C 103 19.70 43.69 -11.49
C ILE C 103 20.73 44.08 -12.54
N ASN C 104 20.84 45.40 -12.79
CA ASN C 104 21.81 45.97 -13.76
C ASN C 104 23.21 45.54 -13.43
N GLU C 105 23.52 45.55 -12.15
CA GLU C 105 24.83 45.14 -11.64
C GLU C 105 25.17 43.67 -11.89
N ALA C 106 24.18 42.82 -11.83
CA ALA C 106 24.47 41.41 -11.86
C ALA C 106 24.44 40.93 -13.29
N PHE C 107 23.51 41.47 -14.10
CA PHE C 107 23.19 40.93 -15.41
C PHE C 107 23.42 41.92 -16.57
N GLY C 108 24.04 43.06 -16.29
CA GLY C 108 24.35 43.97 -17.37
C GLY C 108 23.19 44.89 -17.64
N SER C 109 21.99 44.34 -17.71
CA SER C 109 20.81 45.17 -17.91
C SER C 109 19.55 44.36 -17.59
N PHE C 110 18.44 45.06 -17.42
CA PHE C 110 17.16 44.39 -17.22
C PHE C 110 16.78 43.38 -18.31
N ASP C 111 17.04 43.73 -19.57
CA ASP C 111 16.74 42.83 -20.69
C ASP C 111 17.58 41.54 -20.70
N ASP C 112 18.82 41.66 -20.21
CA ASP C 112 19.71 40.52 -20.07
C ASP C 112 19.27 39.62 -18.92
N PHE C 113 18.68 40.23 -17.90
CA PHE C 113 18.21 39.48 -16.76
C PHE C 113 17.01 38.68 -17.17
N LYS C 114 16.11 39.30 -17.95
CA LYS C 114 14.90 38.70 -18.51
C LYS C 114 15.21 37.48 -19.38
N ALA C 115 16.28 37.59 -20.17
CA ALA C 115 16.73 36.52 -21.07
C ALA C 115 17.26 35.41 -20.20
N ALA C 116 17.99 35.79 -19.15
CA ALA C 116 18.65 34.79 -18.33
C ALA C 116 17.63 34.01 -17.43
N PHE C 117 16.68 34.73 -16.83
CA PHE C 117 15.63 34.08 -16.05
C PHE C 117 14.78 33.23 -16.96
N THR C 118 14.30 33.81 -18.06
CA THR C 118 13.60 33.11 -19.12
C THR C 118 14.23 31.78 -19.54
N ALA C 119 15.57 31.76 -19.64
CA ALA C 119 16.28 30.56 -20.10
C ALA C 119 16.28 29.50 -19.00
N ALA C 120 16.54 29.92 -17.76
CA ALA C 120 16.45 28.98 -16.63
C ALA C 120 15.04 28.41 -16.61
N ALA C 121 14.03 29.24 -16.79
CA ALA C 121 12.68 28.74 -16.72
C ALA C 121 12.35 27.81 -17.91
N THR C 122 13.06 27.96 -19.03
CA THR C 122 12.72 27.26 -20.24
C THR C 122 13.43 25.92 -20.27
N THR C 123 14.69 25.88 -19.84
CA THR C 123 15.50 24.62 -19.95
C THR C 123 15.45 23.65 -18.72
N ARG C 124 14.57 23.98 -17.77
CA ARG C 124 14.37 23.23 -16.53
C ARG C 124 13.45 22.13 -16.93
N PHE C 125 13.99 20.91 -16.93
CA PHE C 125 13.33 19.81 -17.57
C PHE C 125 12.58 19.03 -16.55
N GLY C 126 11.32 18.69 -16.84
CA GLY C 126 10.47 18.05 -15.91
C GLY C 126 9.86 19.17 -15.06
N SER C 127 9.52 18.85 -13.79
CA SER C 127 8.94 19.79 -12.86
C SER C 127 9.95 20.60 -12.08
N GLY C 128 9.60 21.85 -11.80
CA GLY C 128 10.50 22.72 -11.08
C GLY C 128 10.09 24.19 -11.06
N TRP C 129 11.07 25.02 -10.68
CA TRP C 129 10.94 26.47 -10.43
C TRP C 129 12.17 27.20 -10.99
N ALA C 130 11.97 28.42 -11.51
CA ALA C 130 13.02 29.36 -11.87
C ALA C 130 13.05 30.42 -10.78
N TRP C 131 14.24 30.87 -10.42
CA TRP C 131 14.51 31.74 -9.29
C TRP C 131 15.43 32.93 -9.63
N LEU C 132 15.20 34.06 -8.96
CA LEU C 132 16.17 35.15 -8.80
C LEU C 132 16.45 35.24 -7.28
N VAL C 133 17.70 35.06 -6.89
CA VAL C 133 17.99 34.89 -5.50
C VAL C 133 19.06 35.91 -5.10
N VAL C 134 19.13 36.18 -3.81
CA VAL C 134 20.24 36.91 -3.27
C VAL C 134 21.22 35.90 -2.68
N ASP C 135 22.49 35.95 -3.09
CA ASP C 135 23.47 34.95 -2.62
C ASP C 135 24.11 35.40 -1.32
N LYS C 136 25.26 34.82 -0.97
CA LYS C 136 25.87 35.01 0.36
C LYS C 136 26.49 36.41 0.60
N GLU C 137 27.26 36.93 -0.38
CA GLU C 137 27.75 38.33 -0.29
C GLU C 137 26.80 39.29 -1.02
N GLY C 138 25.50 38.98 -0.95
CA GLY C 138 24.45 39.87 -1.41
C GLY C 138 24.30 40.16 -2.91
N LYS C 139 24.86 39.32 -3.79
CA LYS C 139 24.65 39.52 -5.23
C LYS C 139 23.40 38.77 -5.73
N LEU C 140 22.79 39.28 -6.79
CA LEU C 140 21.76 38.55 -7.49
C LEU C 140 22.28 37.41 -8.40
N GLU C 141 21.59 36.25 -8.41
CA GLU C 141 21.77 35.21 -9.51
C GLU C 141 20.43 34.63 -9.99
N VAL C 142 20.46 33.96 -11.14
CA VAL C 142 19.32 33.18 -11.60
C VAL C 142 19.71 31.69 -11.44
N THR C 143 18.76 30.87 -10.97
CA THR C 143 18.92 29.40 -10.92
C THR C 143 17.51 28.81 -11.15
N SER C 144 17.43 27.48 -11.16
CA SER C 144 16.21 26.74 -11.19
C SER C 144 16.48 25.56 -10.23
N THR C 145 15.41 24.89 -9.85
CA THR C 145 15.50 23.74 -8.97
C THR C 145 14.49 22.76 -9.49
N ALA C 146 14.63 21.51 -9.02
CA ALA C 146 13.72 20.44 -9.35
C ALA C 146 12.57 20.39 -8.37
N ASN C 147 11.37 20.00 -8.86
CA ASN C 147 10.22 19.72 -8.04
C ASN C 147 9.86 20.86 -7.06
N GLN C 148 9.77 20.60 -5.75
CA GLN C 148 9.60 21.70 -4.79
C GLN C 148 10.90 22.07 -4.06
N ASP C 149 12.06 21.65 -4.56
CA ASP C 149 13.31 22.06 -3.92
C ASP C 149 13.44 23.59 -3.88
N THR C 150 13.92 24.12 -2.76
CA THR C 150 14.00 25.60 -2.64
C THR C 150 15.43 26.05 -2.52
N PRO C 151 15.81 27.17 -3.19
CA PRO C 151 17.19 27.69 -2.96
C PRO C 151 17.52 28.02 -1.46
N ILE C 152 16.52 28.19 -0.61
CA ILE C 152 16.80 28.36 0.85
C ILE C 152 17.68 27.25 1.39
N SER C 153 17.52 26.06 0.80
CA SER C 153 18.33 24.88 1.14
C SER C 153 19.81 25.00 0.78
N GLN C 154 20.15 25.80 -0.23
CA GLN C 154 21.57 26.03 -0.56
C GLN C 154 22.02 27.38 -0.02
N GLY C 155 21.23 27.94 0.90
CA GLY C 155 21.61 29.17 1.58
C GLY C 155 21.48 30.42 0.74
N LEU C 156 20.60 30.38 -0.27
CA LEU C 156 20.31 31.48 -1.18
C LEU C 156 18.88 31.97 -0.88
N LYS C 157 18.64 33.28 -0.87
CA LYS C 157 17.31 33.81 -0.49
C LYS C 157 16.54 34.30 -1.71
N PRO C 158 15.40 33.71 -1.97
CA PRO C 158 14.67 34.04 -3.19
C PRO C 158 13.98 35.38 -3.13
N ILE C 159 14.08 36.15 -4.22
CA ILE C 159 13.34 37.40 -4.29
C ILE C 159 12.45 37.39 -5.51
N LEU C 160 12.63 36.39 -6.39
CA LEU C 160 11.64 36.15 -7.50
C LEU C 160 11.47 34.67 -7.80
N ALA C 161 10.26 34.24 -8.16
CA ALA C 161 10.05 32.81 -8.32
C ALA C 161 9.04 32.51 -9.39
N LEU C 162 9.33 31.52 -10.24
CA LEU C 162 8.32 31.13 -11.21
C LEU C 162 8.12 29.62 -11.20
N ASP C 163 6.86 29.23 -11.06
CA ASP C 163 6.51 27.82 -10.99
C ASP C 163 6.43 27.31 -12.42
N VAL C 164 7.34 26.40 -12.79
CA VAL C 164 7.20 25.80 -14.11
C VAL C 164 6.71 24.36 -14.11
N TRP C 165 6.04 23.93 -13.03
CA TRP C 165 5.37 22.65 -13.07
C TRP C 165 4.23 22.85 -14.09
N GLU C 166 3.84 21.79 -14.81
CA GLU C 166 2.83 21.93 -15.87
C GLU C 166 1.45 22.29 -15.32
N HIS C 167 1.05 21.83 -14.12
CA HIS C 167 -0.20 22.42 -13.50
C HIS C 167 -0.26 23.95 -13.46
N ALA C 168 0.91 24.60 -13.49
CA ALA C 168 1.01 26.04 -13.41
C ALA C 168 0.61 26.75 -14.71
N TYR C 169 0.50 26.01 -15.83
CA TYR C 169 0.30 26.70 -17.11
C TYR C 169 -0.48 25.98 -18.19
N TYR C 170 -0.67 24.68 -17.99
CA TYR C 170 -1.24 23.87 -19.05
C TYR C 170 -2.64 24.35 -19.48
N LEU C 171 -3.46 24.87 -18.55
CA LEU C 171 -4.82 25.20 -18.96
C LEU C 171 -4.83 26.42 -19.88
N ASN C 172 -3.86 27.33 -19.70
CA ASN C 172 -3.89 28.57 -20.47
C ASN C 172 -2.99 28.49 -21.65
N TYR C 173 -1.91 27.72 -21.53
CA TYR C 173 -0.80 27.72 -22.47
C TYR C 173 -0.48 26.36 -23.12
N ARG C 174 -1.13 25.28 -22.68
CA ARG C 174 -0.74 23.91 -23.15
C ARG C 174 0.79 23.71 -23.09
N ASN C 175 1.42 23.13 -24.12
CA ASN C 175 2.86 22.82 -24.03
C ASN C 175 3.77 24.05 -24.12
N VAL C 176 3.23 25.21 -24.51
CA VAL C 176 4.04 26.40 -24.86
C VAL C 176 4.45 27.22 -23.60
N ARG C 177 5.34 26.62 -22.81
CA ARG C 177 5.84 27.23 -21.60
C ARG C 177 6.49 28.57 -21.91
N PRO C 178 7.09 28.74 -23.10
CA PRO C 178 7.60 30.13 -23.30
C PRO C 178 6.54 31.26 -23.28
N ASN C 179 5.32 30.99 -23.72
CA ASN C 179 4.27 32.02 -23.65
C ASN C 179 3.84 32.38 -22.21
N TYR C 180 3.62 31.35 -21.40
CA TYR C 180 3.44 31.49 -19.97
C TYR C 180 4.54 32.32 -19.30
N ILE C 181 5.81 32.05 -19.65
CA ILE C 181 6.93 32.71 -18.94
C ILE C 181 6.89 34.20 -19.25
N LYS C 182 6.64 34.53 -20.53
CA LYS C 182 6.53 35.90 -21.01
C LYS C 182 5.32 36.52 -20.35
N ALA C 183 4.20 35.81 -20.31
CA ALA C 183 3.05 36.33 -19.61
C ALA C 183 3.35 36.64 -18.14
N PHE C 184 4.18 35.79 -17.50
CA PHE C 184 4.53 35.95 -16.07
C PHE C 184 5.04 37.35 -15.83
N PHE C 185 5.93 37.80 -16.69
CA PHE C 185 6.54 39.14 -16.56
C PHE C 185 5.53 40.29 -16.55
N GLU C 186 4.35 40.10 -17.12
CA GLU C 186 3.25 41.11 -17.06
C GLU C 186 2.60 41.31 -15.69
N VAL C 187 2.67 40.29 -14.82
CA VAL C 187 1.96 40.30 -13.55
C VAL C 187 2.87 40.17 -12.33
N ILE C 188 4.13 40.58 -12.47
CA ILE C 188 5.02 40.53 -11.34
C ILE C 188 4.68 41.65 -10.37
N ASN C 189 4.62 41.31 -9.09
CA ASN C 189 4.60 42.29 -8.05
C ASN C 189 6.01 42.67 -7.64
N TRP C 190 6.54 43.67 -8.31
CA TRP C 190 7.89 44.19 -8.04
C TRP C 190 8.02 44.84 -6.65
N ASN C 191 6.90 45.14 -6.01
CA ASN C 191 6.92 45.55 -4.59
C ASN C 191 7.27 44.39 -3.67
N THR C 192 6.55 43.29 -3.86
CA THR C 192 6.90 42.05 -3.16
C THR C 192 8.42 41.82 -3.37
N VAL C 193 8.90 42.01 -4.61
CA VAL C 193 10.34 41.71 -4.94
C VAL C 193 11.26 42.66 -4.18
N ALA C 194 10.89 43.95 -4.13
CA ALA C 194 11.65 44.89 -3.30
C ALA C 194 11.66 44.43 -1.83
N ARG C 195 10.51 44.06 -1.28
CA ARG C 195 10.43 43.62 0.13
C ARG C 195 11.44 42.50 0.43
N LEU C 196 11.47 41.46 -0.42
CA LEU C 196 12.36 40.28 -0.20
C LEU C 196 13.83 40.63 -0.37
N TYR C 197 14.08 41.46 -1.36
CA TYR C 197 15.46 41.99 -1.51
C TYR C 197 15.91 42.73 -0.25
N ALA C 198 15.01 43.55 0.27
CA ALA C 198 15.31 44.31 1.46
C ALA C 198 15.51 43.35 2.64
N GLU C 199 14.60 42.40 2.84
CA GLU C 199 14.80 41.38 3.89
C GLU C 199 16.05 40.55 3.69
N ALA C 200 16.33 40.14 2.46
CA ALA C 200 17.58 39.43 2.22
C ALA C 200 18.71 40.27 2.78
N LEU C 201 18.76 41.55 2.36
CA LEU C 201 19.76 42.49 2.83
C LEU C 201 20.01 42.57 4.39
N THR C 202 18.98 42.51 5.23
CA THR C 202 19.15 42.09 6.66
C THR C 202 18.08 42.65 7.56
N ALA D 2 17.67 9.21 -39.14
CA ALA D 2 17.27 10.28 -38.21
C ALA D 2 16.18 9.60 -37.42
N ILE D 3 15.93 10.10 -36.21
CA ILE D 3 14.81 9.62 -35.44
C ILE D 3 13.56 10.23 -36.07
N LEU D 4 12.51 9.41 -36.23
CA LEU D 4 11.18 9.70 -36.83
C LEU D 4 10.03 9.51 -35.81
N LEU D 5 9.09 10.45 -35.79
CA LEU D 5 7.91 10.39 -34.91
C LEU D 5 6.98 9.26 -35.40
N PRO D 6 6.77 8.18 -34.61
CA PRO D 6 5.84 7.18 -35.10
C PRO D 6 4.43 7.77 -35.09
N ASP D 7 3.61 7.36 -36.06
CA ASP D 7 2.17 7.69 -36.06
C ASP D 7 1.48 6.98 -34.92
N LEU D 8 0.41 7.58 -34.36
CA LEU D 8 -0.43 6.85 -33.40
C LEU D 8 -0.96 5.65 -34.16
N PRO D 9 -1.09 4.46 -33.52
CA PRO D 9 -1.66 3.26 -34.14
C PRO D 9 -3.18 3.23 -34.19
N TYR D 10 -3.84 4.36 -33.89
CA TYR D 10 -5.31 4.45 -33.74
C TYR D 10 -5.64 5.94 -33.91
N ALA D 11 -6.93 6.28 -33.97
CA ALA D 11 -7.38 7.65 -34.15
C ALA D 11 -7.08 8.42 -32.85
N TYR D 12 -7.01 9.75 -32.93
CA TYR D 12 -6.54 10.53 -31.79
C TYR D 12 -7.64 10.51 -30.71
N ASP D 13 -8.88 10.30 -31.09
CA ASP D 13 -9.99 10.25 -30.10
C ASP D 13 -10.39 8.82 -29.77
N ALA D 14 -9.54 7.87 -30.13
CA ALA D 14 -9.88 6.46 -29.97
C ALA D 14 -9.91 6.04 -28.50
N LEU D 15 -9.30 6.80 -27.58
CA LEU D 15 -9.22 6.33 -26.16
C LEU D 15 -10.22 7.00 -25.26
N GLU D 16 -11.02 7.87 -25.87
CA GLU D 16 -12.12 8.53 -25.16
C GLU D 16 -13.01 7.51 -24.44
N PRO D 17 -13.42 7.82 -23.22
CA PRO D 17 -13.21 9.04 -22.45
C PRO D 17 -12.10 8.84 -21.41
N TYR D 18 -11.42 7.71 -21.46
CA TYR D 18 -10.27 7.43 -20.62
C TYR D 18 -9.16 8.42 -20.84
N ILE D 19 -8.78 8.67 -22.09
CA ILE D 19 -7.82 9.75 -22.38
C ILE D 19 -8.35 10.58 -23.54
N ASP D 20 -8.43 11.89 -23.34
CA ASP D 20 -9.15 12.78 -24.22
C ASP D 20 -8.34 12.99 -25.50
N ALA D 21 -9.08 13.23 -26.58
CA ALA D 21 -8.53 13.60 -27.89
C ALA D 21 -7.53 14.76 -27.85
N GLU D 22 -7.84 15.82 -27.10
CA GLU D 22 -6.91 16.95 -27.09
C GLU D 22 -5.52 16.60 -26.57
N THR D 23 -5.49 15.82 -25.49
CA THR D 23 -4.28 15.34 -24.88
C THR D 23 -3.48 14.43 -25.80
N MET D 24 -4.13 13.38 -26.32
CA MET D 24 -3.55 12.54 -27.39
C MET D 24 -2.92 13.39 -28.49
N THR D 25 -3.65 14.38 -28.97
CA THR D 25 -3.10 15.23 -29.98
C THR D 25 -1.90 16.02 -29.52
N LEU D 26 -2.01 16.76 -28.39
CA LEU D 26 -0.84 17.54 -27.90
C LEU D 26 0.37 16.64 -27.60
N HIS D 27 0.12 15.56 -26.88
CA HIS D 27 1.14 14.69 -26.33
C HIS D 27 1.93 14.09 -27.49
N HIS D 28 1.23 13.62 -28.51
CA HIS D 28 1.91 12.99 -29.61
C HIS D 28 2.47 14.01 -30.62
N ASP D 29 1.65 14.98 -31.02
CA ASP D 29 2.10 15.86 -32.11
C ASP D 29 3.00 16.96 -31.64
N LYS D 30 2.91 17.34 -30.36
CA LYS D 30 3.82 18.35 -29.81
C LYS D 30 4.90 17.89 -28.84
N HIS D 31 4.49 17.21 -27.78
CA HIS D 31 5.50 16.78 -26.80
C HIS D 31 6.47 15.76 -27.45
N HIS D 32 5.92 14.74 -28.07
CA HIS D 32 6.77 13.64 -28.53
C HIS D 32 7.64 14.15 -29.71
N ALA D 33 7.03 14.98 -30.57
CA ALA D 33 7.69 15.63 -31.73
C ALA D 33 8.83 16.46 -31.28
N THR D 34 8.67 17.17 -30.16
CA THR D 34 9.77 17.96 -29.62
C THR D 34 10.89 17.08 -29.14
N TYR D 35 10.56 16.02 -28.39
CA TYR D 35 11.62 15.04 -28.01
C TYR D 35 12.36 14.53 -29.31
N VAL D 36 11.60 14.15 -30.34
CA VAL D 36 12.23 13.68 -31.57
C VAL D 36 13.16 14.75 -32.11
N ALA D 37 12.71 16.02 -32.25
CA ALA D 37 13.59 17.08 -32.78
C ALA D 37 14.80 17.34 -31.92
N ASN D 38 14.65 17.40 -30.60
CA ASN D 38 15.83 17.65 -29.77
C ASN D 38 16.74 16.47 -29.80
N ALA D 39 16.19 15.28 -29.91
CA ALA D 39 17.03 14.09 -29.92
C ALA D 39 17.90 14.09 -31.17
N ASN D 40 17.31 14.36 -32.33
CA ASN D 40 18.12 14.47 -33.55
C ASN D 40 19.13 15.59 -33.43
N ALA D 41 18.72 16.73 -32.87
CA ALA D 41 19.64 17.83 -32.68
C ALA D 41 20.87 17.34 -31.84
N ALA D 42 20.66 16.50 -30.81
CA ALA D 42 21.80 15.96 -30.04
C ALA D 42 22.70 14.98 -30.84
N LEU D 43 22.09 14.04 -31.53
CA LEU D 43 22.80 13.01 -32.29
C LEU D 43 23.66 13.62 -33.41
N GLU D 44 23.10 14.60 -34.11
CA GLU D 44 23.82 15.30 -35.17
C GLU D 44 25.18 15.91 -34.77
N LYS D 45 25.39 16.15 -33.47
CA LYS D 45 26.70 16.64 -32.95
C LYS D 45 27.71 15.51 -32.85
N HIS D 46 27.21 14.28 -32.88
CA HIS D 46 28.08 13.11 -32.91
C HIS D 46 27.57 12.04 -33.85
N PRO D 47 27.66 12.25 -35.20
CA PRO D 47 27.22 11.21 -36.14
C PRO D 47 27.97 9.91 -35.97
N GLU D 48 29.17 9.95 -35.39
CA GLU D 48 29.91 8.71 -35.17
C GLU D 48 29.26 7.75 -34.14
N ILE D 49 28.32 8.23 -33.30
CA ILE D 49 27.70 7.34 -32.29
C ILE D 49 26.42 6.69 -32.86
N GLY D 50 26.02 7.08 -34.08
CA GLY D 50 24.89 6.44 -34.71
C GLY D 50 23.62 6.78 -33.96
N GLU D 51 22.59 5.97 -34.11
CA GLU D 51 21.26 6.42 -33.64
C GLU D 51 20.39 5.40 -32.93
N ASN D 52 21.01 4.30 -32.50
CA ASN D 52 20.28 3.25 -31.80
C ASN D 52 20.11 3.67 -30.38
N LEU D 53 19.02 4.37 -30.13
CA LEU D 53 18.83 4.96 -28.81
C LEU D 53 18.75 3.88 -27.71
N GLU D 54 18.14 2.75 -28.05
CA GLU D 54 18.09 1.66 -27.10
C GLU D 54 19.45 1.19 -26.62
N VAL D 55 20.42 1.12 -27.51
CA VAL D 55 21.77 0.79 -27.08
C VAL D 55 22.52 1.96 -26.43
N LEU D 56 22.48 3.14 -27.04
CA LEU D 56 23.09 4.31 -26.47
C LEU D 56 22.58 4.52 -25.04
N LEU D 57 21.27 4.46 -24.85
CA LEU D 57 20.77 4.74 -23.53
C LEU D 57 20.99 3.61 -22.48
N ALA D 58 21.50 2.46 -22.94
CA ALA D 58 21.75 1.34 -22.01
C ALA D 58 23.01 1.55 -21.18
N ASP D 59 24.01 2.24 -21.73
CA ASP D 59 25.10 2.76 -20.91
C ASP D 59 25.34 4.25 -21.15
N VAL D 60 24.72 5.07 -20.30
CA VAL D 60 24.64 6.51 -20.51
C VAL D 60 26.01 7.17 -20.40
N GLU D 61 26.92 6.55 -19.67
CA GLU D 61 28.23 7.16 -19.53
C GLU D 61 29.02 7.02 -20.81
N GLN D 62 28.63 6.09 -21.69
CA GLN D 62 29.35 5.98 -22.97
C GLN D 62 29.02 7.15 -23.89
N ILE D 63 27.90 7.83 -23.61
CA ILE D 63 27.44 8.95 -24.40
C ILE D 63 28.34 10.16 -24.16
N PRO D 64 28.78 10.80 -25.25
CA PRO D 64 29.70 11.89 -24.98
C PRO D 64 29.06 12.94 -24.03
N ALA D 65 29.87 13.42 -23.08
CA ALA D 65 29.55 14.31 -21.97
C ALA D 65 28.69 15.49 -22.38
N ASP D 66 28.95 16.03 -23.55
CA ASP D 66 28.39 17.29 -23.91
C ASP D 66 26.99 17.15 -24.49
N ILE D 67 26.59 15.98 -24.97
CA ILE D 67 25.15 15.78 -25.25
C ILE D 67 24.49 14.83 -24.28
N ARG D 68 25.23 14.33 -23.26
CA ARG D 68 24.74 13.29 -22.38
C ARG D 68 23.31 13.55 -21.84
N GLN D 69 23.11 14.61 -21.06
CA GLN D 69 21.78 14.85 -20.42
C GLN D 69 20.66 15.11 -21.46
N SER D 70 21.01 15.81 -22.53
CA SER D 70 20.03 16.14 -23.53
C SER D 70 19.50 14.87 -24.18
N LEU D 71 20.40 13.91 -24.42
CA LEU D 71 20.02 12.71 -25.13
C LEU D 71 19.26 11.79 -24.16
N ILE D 72 19.69 11.75 -22.91
CA ILE D 72 18.93 11.08 -21.86
C ILE D 72 17.53 11.69 -21.85
N ASN D 73 17.44 13.01 -21.75
CA ASN D 73 16.10 13.62 -21.64
C ASN D 73 15.25 13.42 -22.87
N ASN D 74 15.84 13.69 -24.02
CA ASN D 74 15.09 13.68 -25.28
C ASN D 74 15.09 12.36 -26.07
N GLY D 75 16.22 11.65 -26.08
CA GLY D 75 16.20 10.30 -26.58
C GLY D 75 15.30 9.43 -25.69
N GLY D 76 15.38 9.59 -24.36
CA GLY D 76 14.44 8.93 -23.44
C GLY D 76 13.02 9.37 -23.68
N GLY D 77 12.83 10.65 -23.93
CA GLY D 77 11.48 11.11 -24.17
C GLY D 77 10.91 10.41 -25.36
N HIS D 78 11.75 10.15 -26.35
CA HIS D 78 11.32 9.46 -27.53
C HIS D 78 10.95 7.98 -27.27
N LEU D 79 11.89 7.23 -26.71
CA LEU D 79 11.63 5.79 -26.45
C LEU D 79 10.45 5.60 -25.53
N ASN D 80 10.33 6.42 -24.48
CA ASN D 80 9.16 6.27 -23.56
C ASN D 80 7.83 6.51 -24.24
N HIS D 81 7.68 7.58 -25.02
CA HIS D 81 6.41 7.78 -25.73
C HIS D 81 6.11 6.76 -26.82
N ALA D 82 7.15 6.31 -27.51
CA ALA D 82 6.97 5.35 -28.61
C ALA D 82 6.33 4.09 -28.08
N LEU D 83 6.91 3.60 -27.00
CA LEU D 83 6.42 2.51 -26.22
C LEU D 83 5.03 2.77 -25.68
N PHE D 84 4.81 3.96 -25.15
CA PHE D 84 3.51 4.26 -24.60
C PHE D 84 2.38 4.20 -25.63
N TRP D 85 2.56 4.77 -26.82
CA TRP D 85 1.43 4.70 -27.79
C TRP D 85 1.05 3.27 -28.06
N GLU D 86 2.02 2.37 -28.09
CA GLU D 86 1.76 0.96 -28.45
C GLU D 86 1.07 0.30 -27.31
N LEU D 87 1.32 0.81 -26.10
CA LEU D 87 0.76 0.21 -24.89
C LEU D 87 -0.67 0.60 -24.68
N LEU D 88 -1.21 1.52 -25.48
CA LEU D 88 -2.63 1.86 -25.37
C LEU D 88 -3.46 1.19 -26.48
N SER D 89 -4.74 0.94 -26.21
CA SER D 89 -5.58 0.17 -27.15
C SER D 89 -7.01 0.67 -27.10
N PRO D 90 -7.59 1.00 -28.25
CA PRO D 90 -8.97 1.43 -28.13
C PRO D 90 -9.94 0.24 -27.85
N GLU D 91 -9.48 -1.00 -28.05
CA GLU D 91 -10.33 -2.16 -27.84
C GLU D 91 -9.76 -2.87 -26.65
N LYS D 92 -10.65 -3.24 -25.73
CA LYS D 92 -10.32 -3.90 -24.50
C LYS D 92 -9.51 -5.15 -24.78
N THR D 93 -8.37 -5.30 -24.10
CA THR D 93 -7.67 -6.53 -24.15
C THR D 93 -7.61 -7.15 -22.75
N LYS D 94 -6.97 -8.31 -22.68
CA LYS D 94 -6.83 -8.97 -21.41
C LYS D 94 -5.46 -9.55 -21.31
N VAL D 95 -5.00 -9.69 -20.07
CA VAL D 95 -3.69 -10.25 -19.71
C VAL D 95 -3.55 -11.63 -20.33
N THR D 96 -2.44 -11.87 -21.00
CA THR D 96 -2.23 -13.16 -21.59
C THR D 96 -1.71 -14.06 -20.50
N ALA D 97 -1.94 -15.35 -20.72
CA ALA D 97 -1.72 -16.38 -19.72
C ALA D 97 -0.28 -16.33 -19.16
N GLU D 98 0.72 -16.28 -20.05
CA GLU D 98 2.11 -16.33 -19.60
C GLU D 98 2.53 -15.04 -18.89
N VAL D 99 2.01 -13.90 -19.33
CA VAL D 99 2.21 -12.70 -18.57
C VAL D 99 1.56 -12.82 -17.18
N ALA D 100 0.29 -13.20 -17.13
CA ALA D 100 -0.40 -13.41 -15.86
C ALA D 100 0.34 -14.39 -14.94
N ALA D 101 0.92 -15.46 -15.50
CA ALA D 101 1.71 -16.38 -14.65
C ALA D 101 2.93 -15.72 -14.00
N ALA D 102 3.66 -14.92 -14.80
CA ALA D 102 4.78 -14.14 -14.31
C ALA D 102 4.43 -13.12 -13.17
N ILE D 103 3.31 -12.44 -13.34
CA ILE D 103 2.82 -11.47 -12.33
C ILE D 103 2.47 -12.18 -11.01
N ASN D 104 1.72 -13.27 -11.11
CA ASN D 104 1.50 -14.08 -9.92
C ASN D 104 2.78 -14.57 -9.25
N GLU D 105 3.76 -14.98 -10.02
CA GLU D 105 4.95 -15.47 -9.34
C GLU D 105 5.65 -14.38 -8.57
N ALA D 106 5.84 -13.23 -9.21
CA ALA D 106 6.48 -12.10 -8.52
C ALA D 106 5.59 -11.35 -7.49
N PHE D 107 4.28 -11.23 -7.72
CA PHE D 107 3.50 -10.33 -6.83
C PHE D 107 2.52 -11.05 -5.93
N GLY D 108 2.33 -12.34 -6.17
CA GLY D 108 1.33 -13.07 -5.41
C GLY D 108 0.09 -13.20 -6.28
N SER D 109 -0.34 -12.09 -6.88
CA SER D 109 -1.56 -12.09 -7.71
C SER D 109 -1.67 -10.80 -8.53
N PHE D 110 -2.65 -10.77 -9.42
CA PHE D 110 -2.77 -9.66 -10.32
C PHE D 110 -3.17 -8.39 -9.54
N ASP D 111 -4.07 -8.52 -8.56
CA ASP D 111 -4.47 -7.36 -7.75
C ASP D 111 -3.24 -6.83 -7.00
N ASP D 112 -2.44 -7.72 -6.41
CA ASP D 112 -1.17 -7.31 -5.79
C ASP D 112 -0.28 -6.48 -6.74
N PHE D 113 -0.03 -6.95 -7.98
CA PHE D 113 0.60 -6.11 -9.00
C PHE D 113 -0.16 -4.79 -9.27
N LYS D 114 -1.48 -4.84 -9.45
CA LYS D 114 -2.25 -3.60 -9.67
C LYS D 114 -1.91 -2.54 -8.61
N ALA D 115 -1.83 -2.98 -7.36
CA ALA D 115 -1.69 -2.03 -6.25
C ALA D 115 -0.27 -1.50 -6.21
N ALA D 116 0.71 -2.39 -6.42
CA ALA D 116 2.13 -2.01 -6.48
C ALA D 116 2.40 -1.00 -7.65
N PHE D 117 1.79 -1.24 -8.82
CA PHE D 117 2.01 -0.42 -9.98
C PHE D 117 1.37 0.91 -9.68
N THR D 118 0.14 0.86 -9.13
CA THR D 118 -0.61 2.03 -8.72
C THR D 118 0.07 2.91 -7.65
N ALA D 119 0.62 2.32 -6.59
CA ALA D 119 1.40 3.02 -5.59
C ALA D 119 2.64 3.78 -6.20
N ALA D 120 3.36 3.12 -7.09
CA ALA D 120 4.53 3.71 -7.74
C ALA D 120 4.12 4.89 -8.64
N ALA D 121 3.02 4.74 -9.38
CA ALA D 121 2.54 5.84 -10.21
C ALA D 121 2.05 7.02 -9.35
N THR D 122 1.57 6.72 -8.14
CA THR D 122 0.90 7.73 -7.28
C THR D 122 1.97 8.51 -6.46
N THR D 123 2.97 7.84 -5.94
CA THR D 123 3.92 8.53 -5.10
C THR D 123 5.08 9.16 -5.94
N ARG D 124 5.11 8.98 -7.25
CA ARG D 124 6.20 9.60 -8.06
C ARG D 124 6.05 11.12 -7.86
N PHE D 125 7.06 11.78 -7.31
CA PHE D 125 6.89 13.21 -7.07
C PHE D 125 7.48 13.98 -8.24
N GLY D 126 6.74 14.98 -8.71
CA GLY D 126 7.11 15.71 -9.91
C GLY D 126 6.78 14.87 -11.13
N SER D 127 7.57 15.04 -12.19
CA SER D 127 7.32 14.39 -13.47
C SER D 127 7.98 13.02 -13.54
N GLY D 128 7.39 12.08 -14.27
CA GLY D 128 8.11 10.83 -14.52
C GLY D 128 7.16 9.72 -14.93
N TRP D 129 7.56 8.49 -14.60
CA TRP D 129 6.93 7.33 -15.20
C TRP D 129 6.78 6.18 -14.18
N ALA D 130 5.69 5.40 -14.27
CA ALA D 130 5.61 4.11 -13.57
C ALA D 130 5.84 3.00 -14.63
N TRP D 131 6.44 1.92 -14.17
CA TRP D 131 6.96 0.85 -15.02
C TRP D 131 6.75 -0.52 -14.36
N LEU D 132 6.44 -1.50 -15.21
CA LEU D 132 6.63 -2.88 -14.91
C LEU D 132 7.78 -3.30 -15.78
N VAL D 133 8.78 -3.94 -15.17
CA VAL D 133 9.97 -4.38 -15.90
C VAL D 133 10.29 -5.84 -15.64
N VAL D 134 11.12 -6.42 -16.53
CA VAL D 134 11.78 -7.74 -16.31
C VAL D 134 13.27 -7.48 -15.98
N ASP D 135 13.76 -8.03 -14.88
CA ASP D 135 15.16 -7.74 -14.43
C ASP D 135 16.21 -8.68 -15.02
N LYS D 136 17.46 -8.45 -14.59
CA LYS D 136 18.60 -9.30 -14.95
C LYS D 136 18.19 -10.77 -15.02
N GLU D 137 17.86 -11.34 -13.86
CA GLU D 137 17.50 -12.76 -13.73
C GLU D 137 16.14 -13.16 -14.37
N GLY D 138 15.35 -12.20 -14.88
CA GLY D 138 14.10 -12.58 -15.57
C GLY D 138 12.82 -12.56 -14.73
N LYS D 139 12.83 -11.83 -13.60
CA LYS D 139 11.61 -11.65 -12.83
C LYS D 139 11.04 -10.21 -12.96
N LEU D 140 9.74 -10.09 -12.79
CA LEU D 140 9.00 -8.87 -12.91
C LEU D 140 9.15 -8.05 -11.66
N GLU D 141 9.38 -6.75 -11.86
CA GLU D 141 9.43 -5.74 -10.78
C GLU D 141 8.70 -4.54 -11.25
N VAL D 142 8.07 -3.87 -10.29
CA VAL D 142 7.51 -2.54 -10.49
C VAL D 142 8.50 -1.42 -10.07
N THR D 143 8.70 -0.42 -10.95
CA THR D 143 9.49 0.72 -10.52
C THR D 143 8.97 2.07 -11.03
N SER D 144 9.63 3.16 -10.63
CA SER D 144 9.31 4.47 -11.16
C SER D 144 10.61 5.26 -11.44
N THR D 145 10.55 6.15 -12.42
CA THR D 145 11.70 6.96 -12.79
C THR D 145 11.33 8.43 -12.88
N ALA D 146 12.34 9.30 -12.80
CA ALA D 146 12.12 10.75 -12.88
C ALA D 146 12.25 11.24 -14.31
N ASN D 147 11.52 12.30 -14.64
CA ASN D 147 11.56 12.89 -15.97
C ASN D 147 11.42 11.83 -17.07
N GLN D 148 12.39 11.77 -17.96
CA GLN D 148 12.37 10.81 -19.06
C GLN D 148 13.41 9.66 -18.86
N ASP D 149 13.97 9.53 -17.65
CA ASP D 149 14.82 8.38 -17.39
C ASP D 149 14.08 7.06 -17.65
N THR D 150 14.77 6.03 -18.11
CA THR D 150 14.09 4.79 -18.47
C THR D 150 14.83 3.65 -17.84
N PRO D 151 14.12 2.60 -17.38
CA PRO D 151 14.74 1.51 -16.70
C PRO D 151 15.80 0.81 -17.55
N ILE D 152 15.85 1.03 -18.86
CA ILE D 152 16.89 0.36 -19.69
C ILE D 152 18.32 0.90 -19.45
N SER D 153 18.39 2.10 -18.89
CA SER D 153 19.66 2.64 -18.44
C SER D 153 20.14 1.85 -17.24
N GLN D 154 19.22 1.14 -16.58
CA GLN D 154 19.63 0.23 -15.49
C GLN D 154 19.72 -1.25 -15.91
N GLY D 155 19.73 -1.55 -17.21
CA GLY D 155 19.66 -2.95 -17.66
C GLY D 155 18.33 -3.63 -17.40
N LEU D 156 17.27 -2.84 -17.21
CA LEU D 156 15.95 -3.44 -16.91
C LEU D 156 15.08 -3.28 -18.14
N LYS D 157 14.27 -4.28 -18.47
CA LYS D 157 13.52 -4.21 -19.71
C LYS D 157 12.02 -3.93 -19.48
N PRO D 158 11.48 -2.74 -19.91
CA PRO D 158 10.09 -2.38 -19.67
C PRO D 158 9.08 -3.18 -20.46
N ILE D 159 8.05 -3.68 -19.80
CA ILE D 159 6.94 -4.32 -20.57
C ILE D 159 5.62 -3.55 -20.37
N LEU D 160 5.60 -2.65 -19.40
CA LEU D 160 4.47 -1.77 -19.12
C LEU D 160 5.03 -0.43 -18.59
N ALA D 161 4.45 0.68 -19.08
CA ALA D 161 4.86 2.03 -18.82
C ALA D 161 3.65 2.98 -18.70
N LEU D 162 3.65 3.85 -17.67
CA LEU D 162 2.63 4.89 -17.55
C LEU D 162 3.31 6.22 -17.35
N ASP D 163 3.00 7.18 -18.22
CA ASP D 163 3.49 8.54 -18.11
C ASP D 163 2.66 9.26 -17.06
N VAL D 164 3.29 9.71 -15.97
CA VAL D 164 2.63 10.55 -14.95
C VAL D 164 3.10 12.05 -14.93
N TRP D 165 3.75 12.51 -16.02
CA TRP D 165 3.91 13.93 -16.26
C TRP D 165 2.52 14.54 -16.21
N GLU D 166 2.40 15.72 -15.63
CA GLU D 166 1.10 16.38 -15.65
C GLU D 166 0.49 16.64 -17.01
N HIS D 167 1.30 16.89 -18.04
CA HIS D 167 0.73 16.99 -19.43
C HIS D 167 -0.06 15.75 -19.87
N ALA D 168 0.22 14.59 -19.27
CA ALA D 168 -0.42 13.31 -19.68
C ALA D 168 -1.84 13.15 -19.18
N TYR D 169 -2.22 13.95 -18.18
CA TYR D 169 -3.55 13.81 -17.59
C TYR D 169 -4.21 15.07 -17.16
N TYR D 170 -3.54 16.22 -17.24
CA TYR D 170 -4.19 17.40 -16.62
C TYR D 170 -5.50 17.81 -17.25
N LEU D 171 -5.58 17.76 -18.58
CA LEU D 171 -6.82 18.20 -19.25
C LEU D 171 -8.02 17.40 -18.83
N ASN D 172 -7.86 16.07 -18.69
CA ASN D 172 -9.01 15.18 -18.43
C ASN D 172 -9.20 14.91 -16.92
N TYR D 173 -8.14 15.10 -16.11
CA TYR D 173 -8.15 14.73 -14.68
C TYR D 173 -7.65 15.78 -13.69
N ARG D 174 -7.15 16.91 -14.17
CA ARG D 174 -6.64 17.96 -13.30
C ARG D 174 -5.65 17.36 -12.31
N ASN D 175 -5.67 17.80 -11.05
CA ASN D 175 -4.79 17.27 -9.99
C ASN D 175 -5.10 15.82 -9.59
N VAL D 176 -6.25 15.24 -10.04
CA VAL D 176 -6.63 13.88 -9.53
C VAL D 176 -5.91 12.70 -10.26
N ARG D 177 -4.62 12.52 -9.92
CA ARG D 177 -3.75 11.56 -10.60
C ARG D 177 -4.30 10.14 -10.44
N PRO D 178 -4.84 9.79 -9.25
CA PRO D 178 -5.47 8.47 -9.08
C PRO D 178 -6.62 8.10 -10.05
N ASN D 179 -7.44 9.05 -10.49
CA ASN D 179 -8.44 8.77 -11.52
C ASN D 179 -7.78 8.39 -12.83
N TYR D 180 -6.80 9.17 -13.23
CA TYR D 180 -6.00 8.86 -14.38
C TYR D 180 -5.35 7.47 -14.30
N ILE D 181 -4.78 7.12 -13.13
CA ILE D 181 -4.15 5.79 -12.96
C ILE D 181 -5.22 4.67 -13.11
N LYS D 182 -6.34 4.82 -12.41
CA LYS D 182 -7.44 3.88 -12.53
C LYS D 182 -7.88 3.76 -14.03
N ALA D 183 -8.09 4.88 -14.73
CA ALA D 183 -8.44 4.87 -16.17
C ALA D 183 -7.41 4.13 -17.13
N PHE D 184 -6.11 4.25 -16.84
CA PHE D 184 -5.07 3.58 -17.65
C PHE D 184 -5.29 2.07 -17.76
N PHE D 185 -5.51 1.40 -16.63
CA PHE D 185 -5.92 -0.01 -16.70
C PHE D 185 -7.03 -0.39 -17.68
N GLU D 186 -7.88 0.56 -18.08
CA GLU D 186 -9.00 0.28 -18.98
C GLU D 186 -8.58 0.28 -20.42
N VAL D 187 -7.35 0.73 -20.68
CA VAL D 187 -6.82 0.86 -22.04
C VAL D 187 -5.43 0.30 -22.27
N ILE D 188 -4.97 -0.58 -21.40
CA ILE D 188 -3.71 -1.22 -21.63
C ILE D 188 -3.89 -2.15 -22.83
N ASN D 189 -2.87 -2.23 -23.69
CA ASN D 189 -2.84 -3.20 -24.78
C ASN D 189 -1.99 -4.41 -24.36
N TRP D 190 -2.62 -5.33 -23.63
CA TRP D 190 -1.89 -6.46 -23.02
C TRP D 190 -1.22 -7.34 -24.08
N ASN D 191 -1.63 -7.21 -25.35
CA ASN D 191 -0.90 -7.85 -26.47
C ASN D 191 0.50 -7.30 -26.59
N THR D 192 0.65 -5.96 -26.57
CA THR D 192 1.97 -5.33 -26.61
C THR D 192 2.79 -5.76 -25.38
N VAL D 193 2.16 -5.79 -24.21
CA VAL D 193 2.87 -6.26 -23.01
C VAL D 193 3.43 -7.68 -23.22
N ALA D 194 2.67 -8.54 -23.86
CA ALA D 194 3.17 -9.91 -24.10
C ALA D 194 4.33 -9.89 -25.13
N ARG D 195 4.15 -9.17 -26.22
CA ARG D 195 5.24 -9.10 -27.22
C ARG D 195 6.55 -8.66 -26.51
N LEU D 196 6.47 -7.64 -25.65
CA LEU D 196 7.65 -7.05 -24.96
C LEU D 196 8.20 -7.99 -23.92
N TYR D 197 7.32 -8.66 -23.20
CA TYR D 197 7.77 -9.73 -22.30
C TYR D 197 8.44 -10.93 -23.07
N ALA D 198 7.89 -11.30 -24.22
CA ALA D 198 8.50 -12.37 -25.04
C ALA D 198 9.88 -11.95 -25.62
N GLU D 199 9.93 -10.71 -26.18
CA GLU D 199 11.17 -10.05 -26.58
CA GLU D 199 11.17 -10.03 -26.56
C GLU D 199 12.19 -9.97 -25.42
N ALA D 200 11.69 -9.73 -24.20
CA ALA D 200 12.56 -9.75 -23.01
C ALA D 200 13.14 -11.16 -22.75
N LEU D 201 12.34 -12.18 -23.05
CA LEU D 201 12.75 -13.57 -22.85
C LEU D 201 13.71 -14.02 -23.95
N THR D 202 13.88 -13.17 -24.96
CA THR D 202 14.77 -13.47 -26.08
C THR D 202 16.19 -13.01 -25.78
N LEU D 203 16.78 -13.59 -24.74
CA LEU D 203 18.12 -13.24 -24.28
C LEU D 203 18.23 -13.75 -22.85
N GLU D 204 17.39 -13.22 -21.98
CA GLU D 204 17.24 -13.73 -20.63
C GLU D 204 16.07 -14.70 -20.56
FE FE E . -2.58 -8.40 11.33
FE FE F . -3.65 -26.48 12.74
FE FE G . 2.54 24.74 -8.36
FE FE H . 4.64 12.57 -21.84
#